data_1UKW
#
_entry.id   1UKW
#
_cell.length_a   88.120
_cell.length_b   88.120
_cell.length_c   206.516
_cell.angle_alpha   90.00
_cell.angle_beta   90.00
_cell.angle_gamma   90.00
#
_symmetry.space_group_name_H-M   'P 43 21 2'
#
loop_
_entity.id
_entity.type
_entity.pdbx_description
1 polymer 'acyl-CoA dehydrogenase'
2 non-polymer 'FLAVIN-ADENINE DINUCLEOTIDE'
3 non-polymer 'COBALT (II) ION'
4 water water
#
_entity_poly.entity_id   1
_entity_poly.type   'polypeptide(L)'
_entity_poly.pdbx_seq_one_letter_code
;IDFSLTEEQRQLQALARRFAKEVILPVAQEYDEKEEVPWPVIEKLHEVGLLNAIIPEEYGGMGLKMLDEVIVGEELAYAC
MGIYTIPMASDLGITPVLLAGTEEQKERFLRPLTEKPALAAFALSEPGNGSDAAALKTRAIRQGDHYVLNGTKMWISNGG
EAEWVVVFATVNPELRHKGVVALVVERGTPGFKAIKIHGKMGQRASGTYELVFEDVKVPVENRLGEEGEGFKIAMQTLNK
TRIPVAAGSVGVARRALDEARKYAKEREAFGEPIANFQAIQFKLVDMLIGIETARMYTYYAAWLADQGLPHAHASAIAKA
YASEIAFEAANQAIQIHGGYGYVREFPVEKLLRDVKLNQIYEGTNEIQRLIIARHILAA
;
_entity_poly.pdbx_strand_id   A,B
#
# COMPACT_ATOMS: atom_id res chain seq x y z
N ILE A 1 14.93 -5.74 -7.40
CA ILE A 1 13.77 -4.86 -7.07
C ILE A 1 14.01 -3.40 -7.49
N ASP A 2 13.06 -2.84 -8.23
CA ASP A 2 13.18 -1.47 -8.73
C ASP A 2 11.80 -0.88 -9.06
N PHE A 3 11.37 0.12 -8.30
CA PHE A 3 10.05 0.73 -8.52
C PHE A 3 10.05 1.93 -9.48
N SER A 4 11.23 2.42 -9.84
CA SER A 4 11.35 3.58 -10.73
C SER A 4 10.72 3.37 -12.10
N LEU A 5 10.64 4.45 -12.88
CA LEU A 5 10.04 4.44 -14.21
C LEU A 5 11.03 4.61 -15.36
N THR A 6 10.73 4.01 -16.51
CA THR A 6 11.59 4.12 -17.67
C THR A 6 11.36 5.50 -18.30
N GLU A 7 12.29 5.92 -19.14
CA GLU A 7 12.17 7.22 -19.79
C GLU A 7 10.89 7.28 -20.60
N GLU A 8 10.57 6.19 -21.29
CA GLU A 8 9.36 6.18 -22.09
C GLU A 8 8.17 6.44 -21.18
N GLN A 9 8.09 5.66 -20.10
CA GLN A 9 7.01 5.79 -19.14
C GLN A 9 6.86 7.22 -18.62
N ARG A 10 7.97 7.91 -18.42
CA ARG A 10 7.93 9.29 -17.94
C ARG A 10 7.35 10.21 -19.01
N GLN A 11 7.71 9.96 -20.27
CA GLN A 11 7.18 10.77 -21.36
C GLN A 11 5.68 10.50 -21.38
N LEU A 12 5.31 9.22 -21.45
CA LEU A 12 3.91 8.81 -21.47
C LEU A 12 3.15 9.44 -20.31
N GLN A 13 3.80 9.57 -19.16
CA GLN A 13 3.16 10.17 -18.00
C GLN A 13 2.91 11.66 -18.24
N ALA A 14 3.92 12.35 -18.77
CA ALA A 14 3.82 13.78 -19.04
C ALA A 14 2.75 14.07 -20.09
N LEU A 15 2.63 13.16 -21.05
CA LEU A 15 1.65 13.29 -22.12
C LEU A 15 0.25 13.30 -21.51
N ALA A 16 -0.05 12.27 -20.73
CA ALA A 16 -1.35 12.14 -20.09
C ALA A 16 -1.63 13.32 -19.16
N ARG A 17 -0.63 13.69 -18.37
CA ARG A 17 -0.77 14.79 -17.43
C ARG A 17 -1.08 16.08 -18.16
N ARG A 18 -0.34 16.35 -19.22
CA ARG A 18 -0.52 17.56 -20.03
C ARG A 18 -1.91 17.54 -20.67
N PHE A 19 -2.33 16.36 -21.11
CA PHE A 19 -3.63 16.22 -21.74
C PHE A 19 -4.74 16.46 -20.72
N ALA A 20 -4.65 15.76 -19.59
CA ALA A 20 -5.65 15.91 -18.55
C ALA A 20 -5.80 17.39 -18.19
N LYS A 21 -4.68 18.05 -17.98
CA LYS A 21 -4.64 19.46 -17.62
C LYS A 21 -5.20 20.44 -18.66
N GLU A 22 -4.77 20.30 -19.90
CA GLU A 22 -5.22 21.21 -20.95
C GLU A 22 -6.56 20.89 -21.60
N VAL A 23 -6.85 19.60 -21.77
CA VAL A 23 -8.09 19.19 -22.43
C VAL A 23 -9.27 18.75 -21.56
N ILE A 24 -9.01 17.82 -20.64
CA ILE A 24 -10.07 17.29 -19.80
C ILE A 24 -10.58 18.20 -18.67
N LEU A 25 -9.68 18.61 -17.79
CA LEU A 25 -10.06 19.44 -16.65
C LEU A 25 -10.93 20.67 -16.96
N PRO A 26 -10.62 21.39 -18.05
CA PRO A 26 -11.43 22.57 -18.37
C PRO A 26 -12.92 22.28 -18.63
N VAL A 27 -13.21 21.16 -19.28
CA VAL A 27 -14.59 20.83 -19.62
C VAL A 27 -15.23 19.77 -18.71
N ALA A 28 -14.59 19.49 -17.57
CA ALA A 28 -15.09 18.49 -16.63
C ALA A 28 -16.49 18.84 -16.14
N GLN A 29 -16.64 20.01 -15.50
CA GLN A 29 -17.92 20.44 -14.97
C GLN A 29 -18.96 20.53 -16.09
N GLU A 30 -18.54 21.09 -17.21
CA GLU A 30 -19.42 21.26 -18.37
C GLU A 30 -20.13 19.97 -18.79
N TYR A 31 -19.37 18.89 -18.92
CA TYR A 31 -19.97 17.63 -19.34
C TYR A 31 -20.65 16.88 -18.20
N ASP A 32 -20.30 17.23 -16.97
CA ASP A 32 -20.93 16.60 -15.81
C ASP A 32 -22.36 17.17 -15.74
N GLU A 33 -22.48 18.46 -16.01
CA GLU A 33 -23.76 19.11 -15.94
C GLU A 33 -24.69 18.84 -17.13
N LYS A 34 -24.15 18.43 -18.28
CA LYS A 34 -24.98 18.12 -19.45
C LYS A 34 -25.22 16.61 -19.56
N GLU A 35 -24.37 15.85 -18.87
CA GLU A 35 -24.42 14.39 -18.91
C GLU A 35 -24.44 13.93 -20.37
N GLU A 36 -23.44 14.40 -21.11
CA GLU A 36 -23.26 14.06 -22.52
C GLU A 36 -21.83 13.62 -22.71
N VAL A 37 -21.61 12.77 -23.70
CA VAL A 37 -20.26 12.28 -24.00
C VAL A 37 -19.52 13.39 -24.73
N PRO A 38 -18.31 13.73 -24.24
CA PRO A 38 -17.52 14.79 -24.89
C PRO A 38 -16.68 14.25 -26.05
N TRP A 39 -17.33 13.99 -27.18
CA TRP A 39 -16.63 13.46 -28.33
C TRP A 39 -15.36 14.23 -28.72
N PRO A 40 -15.40 15.57 -28.63
CA PRO A 40 -14.20 16.33 -28.98
C PRO A 40 -13.00 15.88 -28.16
N VAL A 41 -13.25 15.44 -26.95
CA VAL A 41 -12.17 14.96 -26.08
C VAL A 41 -11.69 13.58 -26.52
N ILE A 42 -12.61 12.78 -27.03
CA ILE A 42 -12.29 11.45 -27.50
C ILE A 42 -11.40 11.54 -28.74
N GLU A 43 -11.64 12.55 -29.56
CA GLU A 43 -10.85 12.75 -30.78
C GLU A 43 -9.44 13.15 -30.40
N LYS A 44 -9.33 14.07 -29.47
CA LYS A 44 -8.01 14.51 -29.02
C LYS A 44 -7.24 13.36 -28.39
N LEU A 45 -7.92 12.53 -27.60
CA LEU A 45 -7.24 11.38 -27.01
C LEU A 45 -6.65 10.60 -28.18
N HIS A 46 -7.50 10.28 -29.15
CA HIS A 46 -7.04 9.56 -30.33
C HIS A 46 -5.90 10.34 -30.95
N GLU A 47 -6.19 11.58 -31.36
CA GLU A 47 -5.20 12.46 -31.97
C GLU A 47 -3.84 12.38 -31.28
N VAL A 48 -3.86 12.32 -29.95
CA VAL A 48 -2.63 12.27 -29.18
C VAL A 48 -2.05 10.85 -29.00
N GLY A 49 -2.75 9.86 -29.53
CA GLY A 49 -2.29 8.48 -29.44
C GLY A 49 -2.60 7.70 -28.17
N LEU A 50 -3.39 8.26 -27.26
CA LEU A 50 -3.72 7.57 -26.01
C LEU A 50 -5.06 6.81 -25.99
N LEU A 51 -5.83 6.93 -27.06
CA LEU A 51 -7.13 6.24 -27.14
C LEU A 51 -6.90 4.78 -27.55
N ASN A 52 -7.26 3.85 -26.69
CA ASN A 52 -7.11 2.42 -26.97
C ASN A 52 -5.65 2.03 -27.21
N ALA A 53 -4.74 2.71 -26.53
CA ALA A 53 -3.32 2.43 -26.69
C ALA A 53 -2.90 1.02 -26.32
N ILE A 54 -3.78 0.26 -25.67
CA ILE A 54 -3.45 -1.10 -25.28
C ILE A 54 -3.49 -2.08 -26.44
N ILE A 55 -3.91 -1.60 -27.60
CA ILE A 55 -3.96 -2.45 -28.77
C ILE A 55 -2.53 -2.55 -29.29
N PRO A 56 -2.00 -3.78 -29.36
CA PRO A 56 -0.63 -4.01 -29.82
C PRO A 56 -0.30 -3.30 -31.12
N GLU A 57 0.96 -2.91 -31.25
CA GLU A 57 1.44 -2.23 -32.44
C GLU A 57 1.02 -2.88 -33.75
N GLU A 58 1.06 -4.22 -33.80
CA GLU A 58 0.70 -4.96 -35.02
C GLU A 58 -0.64 -4.51 -35.61
N TYR A 59 -1.49 -3.91 -34.78
CA TYR A 59 -2.80 -3.47 -35.27
C TYR A 59 -2.98 -1.96 -35.23
N GLY A 60 -1.86 -1.24 -35.10
CA GLY A 60 -1.90 0.21 -35.12
C GLY A 60 -1.96 0.92 -33.79
N GLY A 61 -1.76 0.20 -32.69
CA GLY A 61 -1.82 0.83 -31.38
C GLY A 61 -0.42 1.04 -30.82
N MET A 62 -0.31 1.24 -29.51
CA MET A 62 1.00 1.45 -28.89
C MET A 62 1.46 0.22 -28.13
N GLY A 63 0.57 -0.74 -27.92
CA GLY A 63 0.93 -1.94 -27.20
C GLY A 63 1.23 -1.67 -25.73
N LEU A 64 0.53 -0.70 -25.14
CA LEU A 64 0.73 -0.35 -23.73
C LEU A 64 0.43 -1.52 -22.82
N LYS A 65 1.22 -1.68 -21.76
CA LYS A 65 1.02 -2.76 -20.81
C LYS A 65 0.22 -2.27 -19.61
N MET A 66 -0.04 -3.15 -18.65
CA MET A 66 -0.85 -2.74 -17.50
C MET A 66 -0.20 -1.61 -16.72
N LEU A 67 1.10 -1.70 -16.50
CA LEU A 67 1.79 -0.65 -15.76
C LEU A 67 1.60 0.71 -16.43
N ASP A 68 1.69 0.73 -17.77
CA ASP A 68 1.51 1.97 -18.53
C ASP A 68 0.09 2.46 -18.34
N GLU A 69 -0.86 1.53 -18.42
CA GLU A 69 -2.27 1.83 -18.23
C GLU A 69 -2.47 2.58 -16.92
N VAL A 70 -1.90 2.03 -15.85
CA VAL A 70 -1.99 2.63 -14.53
C VAL A 70 -1.43 4.04 -14.56
N ILE A 71 -0.26 4.20 -15.15
CA ILE A 71 0.37 5.51 -15.22
C ILE A 71 -0.50 6.53 -15.96
N VAL A 72 -1.00 6.15 -17.12
CA VAL A 72 -1.86 7.05 -17.90
C VAL A 72 -3.20 7.25 -17.21
N GLY A 73 -3.75 6.16 -16.67
CA GLY A 73 -5.03 6.21 -16.00
C GLY A 73 -5.08 7.13 -14.79
N GLU A 74 -4.00 7.17 -14.02
CA GLU A 74 -4.01 8.03 -12.84
C GLU A 74 -4.10 9.48 -13.28
N GLU A 75 -3.30 9.86 -14.27
CA GLU A 75 -3.33 11.25 -14.73
C GLU A 75 -4.68 11.67 -15.32
N LEU A 76 -5.27 10.84 -16.18
CA LEU A 76 -6.55 11.19 -16.80
C LEU A 76 -7.68 11.28 -15.77
N ALA A 77 -7.77 10.28 -14.90
CA ALA A 77 -8.80 10.27 -13.87
C ALA A 77 -8.62 11.48 -12.96
N TYR A 78 -7.38 11.94 -12.83
CA TYR A 78 -7.07 13.10 -12.00
C TYR A 78 -7.92 14.31 -12.39
N ALA A 79 -8.09 14.52 -13.68
CA ALA A 79 -8.89 15.64 -14.17
C ALA A 79 -10.36 15.29 -14.05
N CYS A 80 -10.72 14.06 -14.44
CA CYS A 80 -12.11 13.62 -14.38
C CYS A 80 -12.27 12.10 -14.51
N MET A 81 -12.77 11.47 -13.45
CA MET A 81 -12.97 10.03 -13.46
C MET A 81 -14.04 9.65 -14.48
N GLY A 82 -15.01 10.54 -14.66
CA GLY A 82 -16.10 10.28 -15.59
C GLY A 82 -15.62 10.20 -17.03
N ILE A 83 -14.82 11.18 -17.43
CA ILE A 83 -14.30 11.20 -18.80
C ILE A 83 -13.33 10.05 -18.98
N TYR A 84 -12.50 9.81 -17.97
CA TYR A 84 -11.52 8.74 -18.05
C TYR A 84 -12.19 7.38 -18.23
N THR A 85 -13.35 7.20 -17.61
CA THR A 85 -14.08 5.94 -17.71
C THR A 85 -14.38 5.54 -19.15
N ILE A 86 -14.37 6.51 -20.06
CA ILE A 86 -14.63 6.22 -21.47
C ILE A 86 -13.49 5.40 -22.07
N PRO A 87 -12.24 5.90 -22.01
CA PRO A 87 -11.18 5.08 -22.57
C PRO A 87 -10.94 3.83 -21.72
N MET A 88 -11.09 3.98 -20.40
CA MET A 88 -10.90 2.85 -19.51
C MET A 88 -11.84 1.69 -19.88
N ALA A 89 -13.11 2.00 -20.08
CA ALA A 89 -14.11 1.00 -20.46
C ALA A 89 -13.88 0.49 -21.87
N SER A 90 -13.27 1.31 -22.71
CA SER A 90 -12.97 0.91 -24.08
C SER A 90 -11.83 -0.11 -24.01
N ASP A 91 -10.89 0.10 -23.08
CA ASP A 91 -9.81 -0.83 -22.88
C ASP A 91 -10.42 -2.12 -22.37
N LEU A 92 -11.48 -1.99 -21.58
CA LEU A 92 -12.19 -3.13 -21.02
C LEU A 92 -12.82 -3.95 -22.14
N GLY A 93 -13.38 -3.26 -23.13
CA GLY A 93 -14.02 -3.94 -24.25
C GLY A 93 -13.00 -4.67 -25.11
N ILE A 94 -11.84 -4.05 -25.27
CA ILE A 94 -10.74 -4.57 -26.07
C ILE A 94 -10.09 -5.83 -25.47
N THR A 95 -10.02 -5.88 -24.15
CA THR A 95 -9.37 -6.99 -23.44
C THR A 95 -9.79 -8.42 -23.79
N PRO A 96 -11.10 -8.70 -23.87
CA PRO A 96 -11.48 -10.08 -24.21
C PRO A 96 -10.98 -10.49 -25.59
N VAL A 97 -10.87 -9.51 -26.49
CA VAL A 97 -10.39 -9.77 -27.85
C VAL A 97 -8.89 -10.03 -27.82
N LEU A 98 -8.17 -9.34 -26.94
CA LEU A 98 -6.72 -9.53 -26.85
C LEU A 98 -6.38 -10.84 -26.17
N LEU A 99 -7.17 -11.20 -25.16
CA LEU A 99 -6.94 -12.43 -24.40
C LEU A 99 -7.32 -13.71 -25.14
N ALA A 100 -8.38 -13.65 -25.96
CA ALA A 100 -8.80 -14.86 -26.66
C ALA A 100 -9.13 -14.70 -28.13
N GLY A 101 -8.86 -13.53 -28.71
CA GLY A 101 -9.16 -13.35 -30.11
C GLY A 101 -8.06 -13.88 -31.01
N THR A 102 -8.44 -14.40 -32.17
CA THR A 102 -7.46 -14.92 -33.13
C THR A 102 -6.78 -13.71 -33.78
N GLU A 103 -5.68 -13.94 -34.49
CA GLU A 103 -4.97 -12.87 -35.16
C GLU A 103 -5.97 -12.16 -36.07
N GLU A 104 -6.79 -12.96 -36.75
CA GLU A 104 -7.83 -12.51 -37.67
C GLU A 104 -8.87 -11.58 -37.03
N GLN A 105 -9.39 -11.99 -35.86
CA GLN A 105 -10.40 -11.20 -35.15
C GLN A 105 -9.79 -9.92 -34.58
N LYS A 106 -8.55 -10.02 -34.11
CA LYS A 106 -7.84 -8.88 -33.55
C LYS A 106 -7.71 -7.79 -34.61
N GLU A 107 -7.30 -8.19 -35.80
CA GLU A 107 -7.14 -7.22 -36.87
C GLU A 107 -8.48 -6.58 -37.23
N ARG A 108 -9.48 -7.41 -37.51
CA ARG A 108 -10.79 -6.90 -37.89
C ARG A 108 -11.42 -5.96 -36.87
N PHE A 109 -11.42 -6.38 -35.61
CA PHE A 109 -12.04 -5.60 -34.55
C PHE A 109 -11.23 -4.43 -33.96
N LEU A 110 -9.92 -4.62 -33.82
CA LEU A 110 -9.04 -3.60 -33.23
C LEU A 110 -8.51 -2.51 -34.18
N ARG A 111 -8.28 -2.86 -35.43
CA ARG A 111 -7.75 -1.89 -36.39
C ARG A 111 -8.66 -0.66 -36.49
N PRO A 112 -9.99 -0.86 -36.56
CA PRO A 112 -10.91 0.27 -36.67
C PRO A 112 -10.81 1.19 -35.44
N LEU A 113 -10.31 0.63 -34.34
CA LEU A 113 -10.14 1.37 -33.08
C LEU A 113 -8.80 2.09 -32.93
N THR A 114 -7.96 2.05 -33.96
CA THR A 114 -6.69 2.75 -33.90
C THR A 114 -6.59 3.79 -35.01
N GLU A 115 -7.36 3.56 -36.08
CA GLU A 115 -7.35 4.46 -37.22
C GLU A 115 -8.19 5.71 -37.01
N LYS A 116 -9.04 5.68 -36.00
CA LYS A 116 -9.93 6.80 -35.76
C LYS A 116 -10.48 6.78 -34.34
N PRO A 117 -11.14 7.87 -33.92
CA PRO A 117 -11.73 7.93 -32.58
C PRO A 117 -12.89 6.96 -32.53
N ALA A 118 -12.66 5.80 -31.91
CA ALA A 118 -13.69 4.77 -31.80
C ALA A 118 -13.56 4.04 -30.47
N LEU A 119 -14.69 3.53 -29.99
CA LEU A 119 -14.76 2.84 -28.69
C LEU A 119 -15.25 1.39 -28.77
N ALA A 120 -14.84 0.60 -27.78
CA ALA A 120 -15.24 -0.79 -27.64
C ALA A 120 -16.09 -0.83 -26.36
N ALA A 121 -16.81 -1.91 -26.15
CA ALA A 121 -17.65 -2.02 -24.97
C ALA A 121 -17.67 -3.44 -24.43
N PHE A 122 -17.92 -3.55 -23.13
CA PHE A 122 -17.94 -4.82 -22.41
C PHE A 122 -19.31 -4.98 -21.75
N ALA A 123 -20.07 -5.98 -22.18
CA ALA A 123 -21.41 -6.21 -21.64
C ALA A 123 -21.57 -7.56 -20.94
N LEU A 124 -21.56 -7.53 -19.61
CA LEU A 124 -21.69 -8.74 -18.81
C LEU A 124 -22.91 -8.64 -17.90
N SER A 125 -23.06 -7.50 -17.23
CA SER A 125 -24.17 -7.27 -16.30
C SER A 125 -25.53 -7.26 -16.99
N GLU A 126 -26.57 -7.60 -16.24
CA GLU A 126 -27.91 -7.60 -16.78
C GLU A 126 -28.82 -6.98 -15.73
N PRO A 127 -30.03 -6.57 -16.13
CA PRO A 127 -30.97 -5.95 -15.19
C PRO A 127 -31.14 -6.72 -13.87
N GLY A 128 -31.34 -8.03 -13.96
CA GLY A 128 -31.54 -8.81 -12.75
C GLY A 128 -30.32 -9.52 -12.22
N ASN A 129 -29.15 -9.09 -12.64
CA ASN A 129 -27.92 -9.75 -12.22
C ASN A 129 -26.66 -8.99 -12.61
N GLY A 130 -25.77 -8.79 -11.64
CA GLY A 130 -24.54 -8.08 -11.90
C GLY A 130 -23.37 -8.72 -11.17
N SER A 131 -23.61 -9.13 -9.92
CA SER A 131 -22.57 -9.76 -9.13
C SER A 131 -22.51 -11.23 -9.45
N ASP A 132 -23.68 -11.84 -9.59
CA ASP A 132 -23.76 -13.25 -9.92
C ASP A 132 -23.62 -13.39 -11.43
N ALA A 133 -22.42 -13.10 -11.91
CA ALA A 133 -22.15 -13.18 -13.34
C ALA A 133 -22.53 -14.52 -13.97
N ALA A 134 -22.13 -15.63 -13.34
CA ALA A 134 -22.40 -17.00 -13.85
C ALA A 134 -23.88 -17.38 -14.00
N ALA A 135 -24.76 -16.40 -13.82
CA ALA A 135 -26.20 -16.65 -13.93
C ALA A 135 -26.81 -15.67 -14.93
N LEU A 136 -26.16 -15.53 -16.07
CA LEU A 136 -26.64 -14.63 -17.10
C LEU A 136 -27.91 -15.22 -17.71
N LYS A 137 -28.82 -14.37 -18.15
CA LYS A 137 -30.06 -14.82 -18.77
C LYS A 137 -30.02 -14.63 -20.27
N THR A 138 -29.25 -13.66 -20.73
CA THR A 138 -29.11 -13.45 -22.17
C THR A 138 -28.76 -14.77 -22.84
N ARG A 139 -29.62 -15.20 -23.76
CA ARG A 139 -29.43 -16.48 -24.46
C ARG A 139 -28.76 -16.32 -25.82
N ALA A 140 -27.90 -17.29 -26.13
CA ALA A 140 -27.19 -17.34 -27.40
C ALA A 140 -27.36 -18.76 -27.92
N ILE A 141 -28.41 -18.99 -28.71
CA ILE A 141 -28.69 -20.30 -29.29
C ILE A 141 -27.99 -20.42 -30.66
N ARG A 142 -27.27 -21.52 -30.86
CA ARG A 142 -26.55 -21.71 -32.12
C ARG A 142 -27.40 -22.29 -33.26
N GLN A 143 -27.30 -21.63 -34.41
CA GLN A 143 -28.03 -22.01 -35.61
C GLN A 143 -26.99 -22.04 -36.75
N GLY A 144 -26.12 -23.05 -36.73
CA GLY A 144 -25.09 -23.17 -37.75
C GLY A 144 -23.90 -22.24 -37.57
N ASP A 145 -23.58 -21.49 -38.63
CA ASP A 145 -22.48 -20.53 -38.64
C ASP A 145 -22.77 -19.34 -37.72
N HIS A 146 -23.95 -19.31 -37.10
CA HIS A 146 -24.28 -18.19 -36.25
C HIS A 146 -25.09 -18.53 -35.00
N TYR A 147 -25.24 -17.53 -34.15
CA TYR A 147 -26.02 -17.64 -32.92
C TYR A 147 -27.18 -16.66 -32.99
N VAL A 148 -28.31 -17.02 -32.38
CA VAL A 148 -29.45 -16.11 -32.34
C VAL A 148 -29.46 -15.60 -30.90
N LEU A 149 -29.06 -14.34 -30.75
CA LEU A 149 -28.93 -13.66 -29.46
C LEU A 149 -30.21 -13.00 -28.96
N ASN A 150 -30.54 -13.24 -27.70
CA ASN A 150 -31.74 -12.65 -27.09
C ASN A 150 -31.54 -12.33 -25.62
N GLY A 151 -31.89 -11.10 -25.23
CA GLY A 151 -31.75 -10.70 -23.84
C GLY A 151 -31.43 -9.23 -23.67
N THR A 152 -31.08 -8.85 -22.46
CA THR A 152 -30.75 -7.46 -22.18
C THR A 152 -29.52 -7.36 -21.30
N LYS A 153 -28.72 -6.35 -21.57
CA LYS A 153 -27.51 -6.09 -20.80
C LYS A 153 -27.75 -4.75 -20.12
N MET A 154 -27.25 -4.62 -18.89
CA MET A 154 -27.47 -3.39 -18.14
C MET A 154 -26.21 -2.67 -17.65
N TRP A 155 -26.28 -1.34 -17.65
CA TRP A 155 -25.18 -0.50 -17.21
C TRP A 155 -23.98 -0.58 -18.16
N ILE A 156 -24.18 -0.83 -19.44
CA ILE A 156 -23.03 -0.94 -20.33
C ILE A 156 -22.34 0.38 -20.66
N SER A 157 -21.08 0.51 -20.28
CA SER A 157 -20.30 1.72 -20.55
C SER A 157 -19.93 1.76 -22.03
N ASN A 158 -20.11 2.92 -22.67
CA ASN A 158 -19.83 3.09 -24.11
C ASN A 158 -20.83 2.25 -24.92
N GLY A 159 -21.89 1.82 -24.26
CA GLY A 159 -22.92 1.02 -24.90
C GLY A 159 -23.38 1.46 -26.27
N GLY A 160 -23.75 2.73 -26.42
CA GLY A 160 -24.23 3.22 -27.70
C GLY A 160 -23.20 3.88 -28.59
N GLU A 161 -22.04 4.22 -28.03
CA GLU A 161 -20.97 4.85 -28.79
C GLU A 161 -20.04 3.80 -29.42
N ALA A 162 -20.04 2.59 -28.86
CA ALA A 162 -19.15 1.54 -29.33
C ALA A 162 -19.33 1.11 -30.77
N GLU A 163 -18.26 0.60 -31.35
CA GLU A 163 -18.26 0.11 -32.72
C GLU A 163 -18.83 -1.28 -32.62
N TRP A 164 -18.38 -1.96 -31.58
CA TRP A 164 -18.82 -3.31 -31.27
C TRP A 164 -18.81 -3.50 -29.76
N VAL A 165 -19.54 -4.51 -29.30
CA VAL A 165 -19.67 -4.80 -27.88
C VAL A 165 -19.46 -6.28 -27.62
N VAL A 166 -18.55 -6.61 -26.72
CA VAL A 166 -18.34 -8.01 -26.38
C VAL A 166 -19.47 -8.38 -25.43
N VAL A 167 -20.36 -9.25 -25.88
CA VAL A 167 -21.49 -9.67 -25.06
C VAL A 167 -21.31 -11.08 -24.53
N PHE A 168 -21.58 -11.26 -23.25
CA PHE A 168 -21.48 -12.57 -22.62
C PHE A 168 -22.87 -13.15 -22.46
N ALA A 169 -23.12 -14.29 -23.09
CA ALA A 169 -24.42 -14.94 -23.04
C ALA A 169 -24.28 -16.41 -22.71
N THR A 170 -25.40 -17.07 -22.45
CA THR A 170 -25.36 -18.49 -22.16
C THR A 170 -25.91 -19.25 -23.36
N VAL A 171 -25.38 -20.44 -23.56
CA VAL A 171 -25.77 -21.26 -24.67
C VAL A 171 -26.79 -22.27 -24.16
N ASN A 172 -26.91 -22.32 -22.83
CA ASN A 172 -27.84 -23.22 -22.13
C ASN A 172 -27.70 -22.90 -20.64
N PRO A 173 -28.70 -22.22 -20.06
CA PRO A 173 -28.62 -21.88 -18.64
C PRO A 173 -28.21 -23.05 -17.75
N GLU A 174 -28.79 -24.22 -17.99
CA GLU A 174 -28.50 -25.42 -17.19
C GLU A 174 -27.01 -25.75 -17.01
N LEU A 175 -26.19 -25.35 -17.97
CA LEU A 175 -24.76 -25.61 -17.88
C LEU A 175 -24.18 -24.60 -16.89
N ARG A 176 -25.02 -23.62 -16.53
CA ARG A 176 -24.64 -22.56 -15.61
C ARG A 176 -23.45 -21.79 -16.17
N HIS A 177 -22.30 -21.84 -15.50
CA HIS A 177 -21.13 -21.12 -15.99
C HIS A 177 -20.48 -21.81 -17.19
N LYS A 178 -20.53 -23.13 -17.22
CA LYS A 178 -19.95 -23.85 -18.35
C LYS A 178 -20.72 -23.52 -19.63
N GLY A 179 -21.87 -22.86 -19.50
CA GLY A 179 -22.67 -22.52 -20.66
C GLY A 179 -22.49 -21.12 -21.23
N VAL A 180 -21.54 -20.37 -20.66
CA VAL A 180 -21.26 -19.01 -21.11
C VAL A 180 -20.33 -18.95 -22.32
N VAL A 181 -20.64 -18.04 -23.23
CA VAL A 181 -19.84 -17.85 -24.44
C VAL A 181 -19.72 -16.35 -24.66
N ALA A 182 -18.61 -15.91 -25.24
CA ALA A 182 -18.38 -14.48 -25.51
C ALA A 182 -18.55 -14.19 -26.98
N LEU A 183 -19.35 -13.18 -27.30
CA LEU A 183 -19.62 -12.81 -28.69
C LEU A 183 -19.48 -11.32 -28.97
N VAL A 184 -18.78 -10.97 -30.04
CA VAL A 184 -18.66 -9.57 -30.41
C VAL A 184 -19.89 -9.23 -31.25
N VAL A 185 -20.54 -8.13 -30.91
CA VAL A 185 -21.73 -7.68 -31.62
C VAL A 185 -21.42 -6.28 -32.17
N GLU A 186 -21.69 -6.08 -33.46
CA GLU A 186 -21.42 -4.80 -34.10
C GLU A 186 -22.57 -3.79 -34.01
N ARG A 187 -22.21 -2.56 -33.64
CA ARG A 187 -23.11 -1.42 -33.46
C ARG A 187 -24.38 -1.27 -34.30
N GLY A 188 -24.44 -1.85 -35.50
CA GLY A 188 -25.65 -1.68 -36.30
C GLY A 188 -26.49 -2.93 -36.53
N THR A 189 -25.95 -4.08 -36.14
CA THR A 189 -26.62 -5.36 -36.31
C THR A 189 -28.12 -5.25 -36.03
N PRO A 190 -28.95 -5.84 -36.89
CA PRO A 190 -30.40 -5.81 -36.74
C PRO A 190 -30.87 -6.48 -35.45
N GLY A 191 -31.79 -5.84 -34.74
CA GLY A 191 -32.33 -6.39 -33.51
C GLY A 191 -31.49 -6.04 -32.30
N PHE A 192 -30.63 -5.03 -32.45
CA PHE A 192 -29.76 -4.58 -31.39
C PHE A 192 -29.98 -3.09 -31.11
N LYS A 193 -30.58 -2.81 -29.96
CA LYS A 193 -30.89 -1.45 -29.52
C LYS A 193 -29.99 -1.02 -28.37
N ALA A 194 -29.71 0.28 -28.33
CA ALA A 194 -28.90 0.86 -27.27
C ALA A 194 -29.70 2.01 -26.69
N ILE A 195 -30.01 1.93 -25.40
CA ILE A 195 -30.78 2.97 -24.73
C ILE A 195 -29.93 3.61 -23.64
N LYS A 196 -29.72 4.92 -23.79
CA LYS A 196 -28.91 5.64 -22.83
C LYS A 196 -29.57 5.83 -21.45
N ILE A 197 -28.77 5.58 -20.40
CA ILE A 197 -29.24 5.73 -19.03
C ILE A 197 -28.96 7.19 -18.62
N HIS A 198 -29.90 7.82 -17.92
CA HIS A 198 -29.74 9.21 -17.52
C HIS A 198 -29.91 9.35 -16.02
N GLY A 199 -29.48 10.48 -15.47
CA GLY A 199 -29.63 10.72 -14.05
C GLY A 199 -28.63 10.05 -13.12
N LYS A 200 -27.41 9.80 -13.60
CA LYS A 200 -26.39 9.19 -12.76
C LYS A 200 -25.89 10.21 -11.74
N MET A 201 -25.47 9.72 -10.58
CA MET A 201 -24.96 10.60 -9.53
C MET A 201 -23.64 11.22 -9.95
N GLY A 202 -22.85 10.44 -10.69
CA GLY A 202 -21.56 10.93 -11.14
C GLY A 202 -21.12 10.28 -12.43
N GLN A 203 -19.83 10.46 -12.78
CA GLN A 203 -19.25 9.94 -14.00
C GLN A 203 -20.27 10.13 -15.12
N ARG A 204 -20.88 11.31 -15.10
CA ARG A 204 -21.93 11.67 -16.05
C ARG A 204 -21.50 11.84 -17.51
N ALA A 205 -20.23 12.17 -17.74
CA ALA A 205 -19.70 12.37 -19.09
C ALA A 205 -19.64 11.04 -19.85
N SER A 206 -19.63 9.95 -19.10
CA SER A 206 -19.57 8.61 -19.65
C SER A 206 -20.97 8.10 -19.98
N GLY A 207 -21.15 7.58 -21.19
CA GLY A 207 -22.43 7.04 -21.58
C GLY A 207 -22.65 5.62 -21.07
N THR A 208 -23.72 5.44 -20.30
CA THR A 208 -24.04 4.13 -19.77
C THR A 208 -25.34 3.71 -20.44
N TYR A 209 -25.39 2.47 -20.88
CA TYR A 209 -26.54 2.01 -21.62
C TYR A 209 -27.18 0.70 -21.22
N GLU A 210 -28.39 0.52 -21.73
CA GLU A 210 -29.14 -0.70 -21.57
C GLU A 210 -29.14 -1.24 -23.00
N LEU A 211 -28.62 -2.45 -23.20
CA LEU A 211 -28.59 -3.01 -24.54
C LEU A 211 -29.66 -4.07 -24.67
N VAL A 212 -30.45 -3.99 -25.74
CA VAL A 212 -31.52 -4.94 -25.98
C VAL A 212 -31.27 -5.73 -27.28
N PHE A 213 -31.22 -7.05 -27.14
CA PHE A 213 -31.00 -7.94 -28.27
C PHE A 213 -32.28 -8.74 -28.52
N GLU A 214 -32.77 -8.65 -29.76
CA GLU A 214 -33.99 -9.35 -30.17
C GLU A 214 -33.66 -10.13 -31.45
N ASP A 215 -33.53 -11.45 -31.30
CA ASP A 215 -33.19 -12.33 -32.43
C ASP A 215 -32.06 -11.70 -33.24
N VAL A 216 -30.95 -11.44 -32.56
CA VAL A 216 -29.77 -10.85 -33.19
C VAL A 216 -28.90 -11.98 -33.73
N LYS A 217 -28.51 -11.86 -35.00
CA LYS A 217 -27.69 -12.87 -35.65
C LYS A 217 -26.19 -12.62 -35.46
N VAL A 218 -25.52 -13.52 -34.77
CA VAL A 218 -24.09 -13.37 -34.57
C VAL A 218 -23.32 -14.57 -35.12
N PRO A 219 -22.48 -14.34 -36.14
CA PRO A 219 -21.68 -15.39 -36.77
C PRO A 219 -20.55 -15.89 -35.86
N VAL A 220 -20.33 -17.21 -35.87
CA VAL A 220 -19.29 -17.83 -35.05
C VAL A 220 -17.95 -17.15 -35.27
N GLU A 221 -17.83 -16.47 -36.41
CA GLU A 221 -16.61 -15.76 -36.74
C GLU A 221 -16.45 -14.64 -35.73
N ASN A 222 -17.51 -14.38 -34.97
CA ASN A 222 -17.50 -13.33 -33.96
C ASN A 222 -17.46 -13.83 -32.52
N ARG A 223 -17.29 -15.14 -32.35
CA ARG A 223 -17.20 -15.70 -31.01
C ARG A 223 -15.75 -15.66 -30.54
N LEU A 224 -15.53 -15.16 -29.33
CA LEU A 224 -14.18 -15.10 -28.79
C LEU A 224 -13.96 -16.38 -28.00
N GLY A 225 -13.13 -17.27 -28.54
CA GLY A 225 -12.87 -18.54 -27.88
C GLY A 225 -13.92 -19.58 -28.26
N GLU A 226 -13.98 -20.66 -27.48
CA GLU A 226 -14.93 -21.75 -27.72
C GLU A 226 -16.13 -21.57 -26.80
N GLU A 227 -17.20 -22.31 -27.05
CA GLU A 227 -18.36 -22.21 -26.19
C GLU A 227 -17.88 -22.73 -24.84
N GLY A 228 -18.58 -22.33 -23.77
CA GLY A 228 -18.21 -22.78 -22.45
C GLY A 228 -16.93 -22.14 -21.96
N GLU A 229 -16.41 -21.20 -22.75
CA GLU A 229 -15.19 -20.51 -22.39
C GLU A 229 -15.46 -19.04 -22.02
N GLY A 230 -16.71 -18.62 -22.18
CA GLY A 230 -17.08 -17.26 -21.87
C GLY A 230 -16.78 -16.80 -20.46
N PHE A 231 -17.05 -17.65 -19.47
CA PHE A 231 -16.78 -17.27 -18.09
C PHE A 231 -15.29 -17.01 -17.84
N LYS A 232 -14.42 -17.93 -18.25
CA LYS A 232 -12.99 -17.73 -18.06
C LYS A 232 -12.60 -16.39 -18.67
N ILE A 233 -13.05 -16.14 -19.89
CA ILE A 233 -12.73 -14.90 -20.59
C ILE A 233 -13.17 -13.68 -19.80
N ALA A 234 -14.38 -13.71 -19.26
CA ALA A 234 -14.90 -12.58 -18.49
C ALA A 234 -14.11 -12.34 -17.21
N MET A 235 -13.81 -13.43 -16.51
CA MET A 235 -13.06 -13.32 -15.26
C MET A 235 -11.61 -12.89 -15.50
N GLN A 236 -10.94 -13.53 -16.45
CA GLN A 236 -9.56 -13.18 -16.70
C GLN A 236 -9.45 -11.71 -17.08
N THR A 237 -10.47 -11.22 -17.78
CA THR A 237 -10.53 -9.83 -18.20
C THR A 237 -10.61 -8.92 -16.99
N LEU A 238 -11.55 -9.22 -16.10
CA LEU A 238 -11.74 -8.42 -14.89
C LEU A 238 -10.56 -8.51 -13.94
N ASN A 239 -9.88 -9.65 -13.92
CA ASN A 239 -8.72 -9.80 -13.05
C ASN A 239 -7.69 -8.74 -13.39
N LYS A 240 -7.70 -8.28 -14.63
CA LYS A 240 -6.77 -7.26 -15.09
C LYS A 240 -7.38 -5.85 -15.15
N THR A 241 -8.62 -5.75 -15.60
CA THR A 241 -9.25 -4.44 -15.72
C THR A 241 -9.55 -3.75 -14.38
N ARG A 242 -9.52 -4.50 -13.29
CA ARG A 242 -9.76 -3.92 -11.97
C ARG A 242 -8.62 -2.99 -11.56
N ILE A 243 -7.42 -3.29 -12.05
CA ILE A 243 -6.24 -2.49 -11.77
C ILE A 243 -6.46 -1.03 -12.21
N PRO A 244 -6.95 -0.81 -13.45
CA PRO A 244 -7.19 0.56 -13.93
C PRO A 244 -8.19 1.33 -13.05
N VAL A 245 -9.20 0.63 -12.54
CA VAL A 245 -10.19 1.27 -11.67
C VAL A 245 -9.47 1.72 -10.40
N ALA A 246 -8.54 0.91 -9.94
CA ALA A 246 -7.78 1.31 -8.75
C ALA A 246 -6.97 2.56 -9.12
N ALA A 247 -6.39 2.56 -10.31
CA ALA A 247 -5.59 3.69 -10.80
C ALA A 247 -6.38 4.98 -10.79
N GLY A 248 -7.58 4.94 -11.37
CA GLY A 248 -8.43 6.10 -11.41
C GLY A 248 -8.79 6.61 -10.02
N SER A 249 -9.01 5.69 -9.10
CA SER A 249 -9.34 6.04 -7.73
C SER A 249 -8.19 6.87 -7.17
N VAL A 250 -6.96 6.36 -7.33
CA VAL A 250 -5.78 7.05 -6.85
C VAL A 250 -5.72 8.42 -7.51
N GLY A 251 -6.12 8.50 -8.78
CA GLY A 251 -6.11 9.76 -9.48
C GLY A 251 -7.07 10.75 -8.85
N VAL A 252 -8.28 10.29 -8.56
CA VAL A 252 -9.30 11.14 -7.95
C VAL A 252 -8.84 11.59 -6.56
N ALA A 253 -8.26 10.66 -5.81
CA ALA A 253 -7.78 10.95 -4.46
C ALA A 253 -6.67 12.01 -4.49
N ARG A 254 -5.86 11.97 -5.54
CA ARG A 254 -4.77 12.93 -5.70
C ARG A 254 -5.34 14.30 -5.99
N ARG A 255 -6.42 14.35 -6.76
CA ARG A 255 -7.07 15.60 -7.08
C ARG A 255 -7.64 16.20 -5.80
N ALA A 256 -8.21 15.35 -4.95
CA ALA A 256 -8.78 15.80 -3.68
C ALA A 256 -7.70 16.38 -2.78
N LEU A 257 -6.55 15.72 -2.67
CA LEU A 257 -5.45 16.21 -1.84
C LEU A 257 -4.94 17.55 -2.36
N ASP A 258 -4.86 17.68 -3.69
CA ASP A 258 -4.38 18.92 -4.31
C ASP A 258 -5.33 20.08 -4.05
N GLU A 259 -6.63 19.86 -4.27
CA GLU A 259 -7.62 20.91 -4.05
C GLU A 259 -7.63 21.28 -2.57
N ALA A 260 -7.80 20.27 -1.72
CA ALA A 260 -7.84 20.49 -0.28
C ALA A 260 -6.59 21.20 0.25
N ARG A 261 -5.42 20.87 -0.30
CA ARG A 261 -4.18 21.49 0.14
C ARG A 261 -4.15 22.96 -0.24
N LYS A 262 -4.38 23.22 -1.52
CA LYS A 262 -4.38 24.57 -2.03
C LYS A 262 -5.37 25.43 -1.24
N TYR A 263 -6.61 24.98 -1.16
CA TYR A 263 -7.65 25.72 -0.45
C TYR A 263 -7.32 25.96 1.04
N ALA A 264 -6.74 24.96 1.69
CA ALA A 264 -6.42 25.09 3.11
C ALA A 264 -5.29 26.08 3.37
N LYS A 265 -4.39 26.22 2.41
CA LYS A 265 -3.28 27.14 2.57
C LYS A 265 -3.72 28.59 2.42
N GLU A 266 -4.69 28.83 1.55
CA GLU A 266 -5.19 30.17 1.30
C GLU A 266 -6.31 30.64 2.24
N ARG A 267 -7.23 29.74 2.58
CA ARG A 267 -8.37 30.07 3.43
C ARG A 267 -8.04 30.31 4.90
N GLU A 268 -8.39 31.50 5.37
CA GLU A 268 -8.13 31.90 6.75
C GLU A 268 -9.38 31.73 7.62
N ALA A 269 -9.14 31.51 8.90
CA ALA A 269 -10.19 31.34 9.91
C ALA A 269 -9.49 31.53 11.25
N PHE A 270 -10.08 32.34 12.12
CA PHE A 270 -9.48 32.64 13.41
C PHE A 270 -8.13 33.30 13.17
N GLY A 271 -8.09 34.12 12.12
CA GLY A 271 -6.89 34.85 11.76
C GLY A 271 -5.67 34.01 11.44
N GLU A 272 -5.88 32.94 10.69
CA GLU A 272 -4.78 32.05 10.34
C GLU A 272 -5.25 31.13 9.21
N PRO A 273 -4.33 30.61 8.38
CA PRO A 273 -4.78 29.72 7.31
C PRO A 273 -5.20 28.40 7.96
N ILE A 274 -6.34 27.86 7.56
CA ILE A 274 -6.83 26.62 8.14
C ILE A 274 -5.81 25.49 8.04
N ALA A 275 -4.86 25.63 7.13
CA ALA A 275 -3.82 24.62 6.96
C ALA A 275 -2.95 24.55 8.21
N ASN A 276 -3.02 25.59 9.05
CA ASN A 276 -2.23 25.64 10.28
C ASN A 276 -2.87 24.82 11.40
N PHE A 277 -4.10 24.34 11.18
CA PHE A 277 -4.78 23.56 12.20
C PHE A 277 -4.52 22.06 12.10
N GLN A 278 -4.12 21.47 13.21
CA GLN A 278 -3.78 20.05 13.26
C GLN A 278 -4.84 19.13 12.66
N ALA A 279 -6.09 19.33 13.06
CA ALA A 279 -7.18 18.51 12.56
C ALA A 279 -7.23 18.57 11.03
N ILE A 280 -6.96 19.74 10.48
CA ILE A 280 -6.96 19.91 9.03
C ILE A 280 -5.73 19.26 8.43
N GLN A 281 -4.61 19.35 9.12
CA GLN A 281 -3.36 18.75 8.65
C GLN A 281 -3.52 17.23 8.59
N PHE A 282 -4.12 16.68 9.64
CA PHE A 282 -4.33 15.25 9.73
C PHE A 282 -5.23 14.70 8.62
N LYS A 283 -6.27 15.44 8.26
CA LYS A 283 -7.15 14.99 7.20
C LYS A 283 -6.30 14.89 5.93
N LEU A 284 -5.49 15.91 5.68
CA LEU A 284 -4.62 15.94 4.51
C LEU A 284 -3.66 14.76 4.54
N VAL A 285 -3.12 14.48 5.72
CA VAL A 285 -2.18 13.39 5.88
C VAL A 285 -2.81 12.04 5.57
N ASP A 286 -4.01 11.80 6.09
CA ASP A 286 -4.68 10.53 5.83
C ASP A 286 -5.01 10.37 4.36
N MET A 287 -5.12 11.49 3.66
CA MET A 287 -5.37 11.45 2.23
C MET A 287 -4.11 10.89 1.57
N LEU A 288 -2.96 11.49 1.88
CA LEU A 288 -1.68 11.06 1.29
C LEU A 288 -1.34 9.61 1.65
N ILE A 289 -1.57 9.23 2.90
CA ILE A 289 -1.31 7.85 3.32
C ILE A 289 -2.09 6.92 2.40
N GLY A 290 -3.34 7.27 2.13
CA GLY A 290 -4.16 6.45 1.26
C GLY A 290 -3.67 6.46 -0.18
N ILE A 291 -3.34 7.65 -0.69
CA ILE A 291 -2.85 7.79 -2.07
C ILE A 291 -1.57 7.01 -2.32
N GLU A 292 -0.58 7.19 -1.46
CA GLU A 292 0.71 6.52 -1.56
C GLU A 292 0.67 5.00 -1.47
N THR A 293 0.02 4.50 -0.43
CA THR A 293 -0.08 3.06 -0.23
C THR A 293 -0.93 2.43 -1.30
N ALA A 294 -1.98 3.11 -1.73
CA ALA A 294 -2.85 2.57 -2.76
C ALA A 294 -2.14 2.56 -4.10
N ARG A 295 -1.40 3.62 -4.43
CA ARG A 295 -0.70 3.65 -5.71
C ARG A 295 0.35 2.56 -5.85
N MET A 296 1.19 2.37 -4.83
CA MET A 296 2.22 1.34 -4.89
C MET A 296 1.60 -0.05 -5.03
N TYR A 297 0.50 -0.30 -4.34
CA TYR A 297 -0.11 -1.63 -4.46
C TYR A 297 -0.76 -1.81 -5.83
N THR A 298 -1.23 -0.73 -6.43
CA THR A 298 -1.83 -0.80 -7.75
C THR A 298 -0.69 -1.09 -8.73
N TYR A 299 0.46 -0.45 -8.52
CA TYR A 299 1.63 -0.67 -9.35
C TYR A 299 1.99 -2.15 -9.27
N TYR A 300 2.07 -2.65 -8.04
CA TYR A 300 2.41 -4.05 -7.79
C TYR A 300 1.50 -5.01 -8.55
N ALA A 301 0.18 -4.82 -8.40
CA ALA A 301 -0.78 -5.67 -9.08
C ALA A 301 -0.56 -5.58 -10.59
N ALA A 302 -0.28 -4.37 -11.06
CA ALA A 302 -0.02 -4.14 -12.47
C ALA A 302 1.21 -4.91 -12.89
N TRP A 303 2.19 -4.99 -11.99
CA TRP A 303 3.42 -5.71 -12.26
C TRP A 303 3.12 -7.20 -12.41
N LEU A 304 2.35 -7.76 -11.48
CA LEU A 304 2.01 -9.19 -11.54
C LEU A 304 1.32 -9.53 -12.86
N ALA A 305 0.40 -8.65 -13.29
CA ALA A 305 -0.32 -8.87 -14.53
C ALA A 305 0.64 -8.83 -15.72
N ASP A 306 1.55 -7.85 -15.73
CA ASP A 306 2.51 -7.77 -16.83
C ASP A 306 3.42 -8.99 -16.84
N GLN A 307 3.87 -9.41 -15.66
CA GLN A 307 4.75 -10.56 -15.50
C GLN A 307 4.04 -11.88 -15.72
N GLY A 308 2.71 -11.83 -15.85
CA GLY A 308 1.92 -13.03 -16.07
C GLY A 308 1.70 -13.89 -14.82
N LEU A 309 1.84 -13.30 -13.64
CA LEU A 309 1.65 -14.01 -12.38
C LEU A 309 0.22 -13.89 -11.86
N PRO A 310 -0.18 -14.75 -10.92
CA PRO A 310 -1.53 -14.70 -10.36
C PRO A 310 -1.78 -13.32 -9.74
N HIS A 311 -2.82 -12.65 -10.17
CA HIS A 311 -3.11 -11.32 -9.65
C HIS A 311 -4.60 -11.07 -9.41
N ALA A 312 -5.40 -12.13 -9.32
CA ALA A 312 -6.82 -11.97 -9.09
C ALA A 312 -7.04 -11.31 -7.73
N HIS A 313 -6.37 -11.84 -6.72
CA HIS A 313 -6.48 -11.32 -5.37
C HIS A 313 -5.90 -9.90 -5.23
N ALA A 314 -4.74 -9.70 -5.84
CA ALA A 314 -4.05 -8.41 -5.78
C ALA A 314 -4.86 -7.27 -6.39
N SER A 315 -5.48 -7.52 -7.55
CA SER A 315 -6.28 -6.48 -8.20
C SER A 315 -7.57 -6.21 -7.44
N ALA A 316 -8.15 -7.24 -6.84
CA ALA A 316 -9.37 -7.07 -6.06
C ALA A 316 -9.03 -6.21 -4.85
N ILE A 317 -7.84 -6.43 -4.28
CA ILE A 317 -7.40 -5.66 -3.12
C ILE A 317 -7.13 -4.21 -3.51
N ALA A 318 -6.42 -4.01 -4.62
CA ALA A 318 -6.12 -2.66 -5.08
C ALA A 318 -7.39 -1.87 -5.41
N LYS A 319 -8.33 -2.53 -6.09
CA LYS A 319 -9.58 -1.91 -6.48
C LYS A 319 -10.43 -1.52 -5.27
N ALA A 320 -10.65 -2.48 -4.38
CA ALA A 320 -11.46 -2.24 -3.18
C ALA A 320 -10.86 -1.17 -2.28
N TYR A 321 -9.57 -1.28 -2.02
CA TYR A 321 -8.87 -0.35 -1.15
C TYR A 321 -8.80 1.08 -1.71
N ALA A 322 -8.31 1.22 -2.93
CA ALA A 322 -8.17 2.53 -3.56
C ALA A 322 -9.47 3.32 -3.66
N SER A 323 -10.53 2.67 -4.10
CA SER A 323 -11.83 3.33 -4.23
C SER A 323 -12.34 3.77 -2.86
N GLU A 324 -12.01 2.99 -1.84
CA GLU A 324 -12.43 3.32 -0.49
C GLU A 324 -11.68 4.51 0.08
N ILE A 325 -10.36 4.55 -0.05
CA ILE A 325 -9.61 5.68 0.49
C ILE A 325 -9.88 6.93 -0.35
N ALA A 326 -10.17 6.74 -1.63
CA ALA A 326 -10.46 7.86 -2.54
C ALA A 326 -11.79 8.53 -2.19
N PHE A 327 -12.76 7.75 -1.77
CA PHE A 327 -14.08 8.27 -1.39
C PHE A 327 -13.91 9.14 -0.15
N GLU A 328 -13.14 8.63 0.81
CA GLU A 328 -12.89 9.33 2.06
C GLU A 328 -12.11 10.61 1.84
N ALA A 329 -11.19 10.59 0.88
CA ALA A 329 -10.38 11.75 0.55
C ALA A 329 -11.27 12.84 -0.07
N ALA A 330 -12.16 12.42 -0.98
CA ALA A 330 -13.07 13.35 -1.63
C ALA A 330 -14.01 13.96 -0.57
N ASN A 331 -14.48 13.12 0.35
CA ASN A 331 -15.37 13.58 1.41
C ASN A 331 -14.69 14.62 2.30
N GLN A 332 -13.47 14.36 2.74
CA GLN A 332 -12.74 15.29 3.59
C GLN A 332 -12.35 16.56 2.81
N ALA A 333 -12.22 16.46 1.49
CA ALA A 333 -11.86 17.62 0.67
C ALA A 333 -13.05 18.57 0.62
N ILE A 334 -14.24 17.98 0.57
CA ILE A 334 -15.46 18.75 0.56
C ILE A 334 -15.52 19.49 1.89
N GLN A 335 -15.27 18.74 2.96
CA GLN A 335 -15.29 19.28 4.31
C GLN A 335 -14.35 20.46 4.52
N ILE A 336 -13.11 20.27 4.10
CA ILE A 336 -12.07 21.28 4.21
C ILE A 336 -12.42 22.58 3.49
N HIS A 337 -13.21 22.47 2.43
CA HIS A 337 -13.62 23.64 1.67
C HIS A 337 -14.77 24.39 2.34
N GLY A 338 -15.43 23.74 3.29
CA GLY A 338 -16.53 24.34 3.99
C GLY A 338 -17.75 24.46 3.09
N GLY A 339 -18.46 25.57 3.20
CA GLY A 339 -19.64 25.78 2.38
C GLY A 339 -19.33 25.71 0.89
N TYR A 340 -18.16 26.22 0.49
CA TYR A 340 -17.77 26.24 -0.90
C TYR A 340 -17.56 24.86 -1.53
N GLY A 341 -17.29 23.86 -0.69
CA GLY A 341 -17.09 22.53 -1.22
C GLY A 341 -18.42 21.93 -1.60
N TYR A 342 -19.49 22.48 -1.05
CA TYR A 342 -20.84 21.99 -1.29
C TYR A 342 -21.47 22.53 -2.58
N VAL A 343 -20.73 23.34 -3.33
CA VAL A 343 -21.28 23.88 -4.57
C VAL A 343 -20.46 23.51 -5.82
N ARG A 344 -21.17 23.36 -6.94
CA ARG A 344 -20.55 22.99 -8.20
C ARG A 344 -19.45 23.94 -8.69
N GLU A 345 -19.43 25.18 -8.21
CA GLU A 345 -18.37 26.08 -8.65
C GLU A 345 -17.00 25.54 -8.27
N PHE A 346 -16.95 24.76 -7.20
CA PHE A 346 -15.70 24.15 -6.79
C PHE A 346 -15.69 22.70 -7.28
N PRO A 347 -14.50 22.10 -7.46
CA PRO A 347 -14.32 20.73 -7.95
C PRO A 347 -14.45 19.52 -7.03
N VAL A 348 -14.39 19.71 -5.72
CA VAL A 348 -14.44 18.60 -4.77
C VAL A 348 -15.77 17.83 -4.68
N GLU A 349 -16.87 18.56 -4.70
CA GLU A 349 -18.20 17.97 -4.64
C GLU A 349 -18.37 16.87 -5.69
N LYS A 350 -17.91 17.14 -6.92
CA LYS A 350 -18.00 16.17 -8.02
C LYS A 350 -17.10 14.95 -7.80
N LEU A 351 -15.99 15.15 -7.09
CA LEU A 351 -15.06 14.06 -6.82
C LEU A 351 -15.75 12.92 -6.05
N LEU A 352 -16.53 13.30 -5.04
CA LEU A 352 -17.26 12.35 -4.23
C LEU A 352 -18.27 11.58 -5.09
N ARG A 353 -19.05 12.32 -5.88
CA ARG A 353 -20.06 11.70 -6.74
C ARG A 353 -19.47 10.72 -7.75
N ASP A 354 -18.36 11.12 -8.38
CA ASP A 354 -17.68 10.31 -9.38
C ASP A 354 -17.09 9.02 -8.81
N VAL A 355 -16.25 9.17 -7.78
CA VAL A 355 -15.55 8.05 -7.19
C VAL A 355 -16.38 6.98 -6.47
N LYS A 356 -17.60 7.32 -6.09
CA LYS A 356 -18.46 6.35 -5.42
C LYS A 356 -18.72 5.16 -6.34
N LEU A 357 -18.81 5.45 -7.65
CA LEU A 357 -19.05 4.42 -8.66
C LEU A 357 -17.90 3.42 -8.69
N ASN A 358 -16.68 3.89 -8.40
CA ASN A 358 -15.50 3.02 -8.41
C ASN A 358 -15.60 1.88 -7.40
N GLN A 359 -16.52 2.00 -6.46
CA GLN A 359 -16.73 1.00 -5.43
C GLN A 359 -17.85 0.02 -5.84
N ILE A 360 -18.45 0.27 -7.00
CA ILE A 360 -19.55 -0.57 -7.45
C ILE A 360 -19.34 -1.29 -8.78
N TYR A 361 -18.92 -0.59 -9.83
CA TYR A 361 -18.74 -1.27 -11.11
C TYR A 361 -17.46 -2.08 -11.22
N GLU A 362 -17.46 -3.00 -12.17
CA GLU A 362 -16.35 -3.93 -12.39
C GLU A 362 -16.21 -4.79 -11.14
N GLY A 363 -17.34 -5.03 -10.47
CA GLY A 363 -17.36 -5.83 -9.26
C GLY A 363 -17.46 -4.94 -8.04
N THR A 364 -18.47 -5.15 -7.22
CA THR A 364 -18.61 -4.32 -6.01
C THR A 364 -17.50 -4.68 -5.06
N ASN A 365 -17.19 -3.76 -4.16
CA ASN A 365 -16.15 -4.02 -3.20
C ASN A 365 -16.47 -5.22 -2.30
N GLU A 366 -17.75 -5.58 -2.19
CA GLU A 366 -18.13 -6.74 -1.37
C GLU A 366 -17.71 -8.01 -2.07
N ILE A 367 -17.93 -8.10 -3.37
CA ILE A 367 -17.52 -9.30 -4.07
C ILE A 367 -16.01 -9.28 -4.26
N GLN A 368 -15.40 -8.10 -4.26
CA GLN A 368 -13.94 -8.01 -4.38
C GLN A 368 -13.45 -8.75 -3.12
N ARG A 369 -14.12 -8.47 -2.01
CA ARG A 369 -13.78 -9.10 -0.73
C ARG A 369 -14.06 -10.60 -0.74
N LEU A 370 -15.11 -11.00 -1.46
CA LEU A 370 -15.45 -12.41 -1.59
C LEU A 370 -14.33 -13.09 -2.38
N ILE A 371 -13.80 -12.39 -3.37
CA ILE A 371 -12.70 -12.91 -4.17
C ILE A 371 -11.46 -13.13 -3.31
N ILE A 372 -11.12 -12.13 -2.51
CA ILE A 372 -9.98 -12.19 -1.61
C ILE A 372 -10.20 -13.29 -0.58
N ALA A 373 -11.41 -13.39 -0.06
CA ALA A 373 -11.76 -14.41 0.93
C ALA A 373 -11.48 -15.82 0.39
N ARG A 374 -11.79 -16.05 -0.88
CA ARG A 374 -11.56 -17.36 -1.49
C ARG A 374 -10.07 -17.62 -1.58
N HIS A 375 -9.32 -16.59 -1.93
CA HIS A 375 -7.88 -16.69 -2.01
C HIS A 375 -7.30 -17.06 -0.63
N ILE A 376 -7.86 -16.44 0.41
CA ILE A 376 -7.39 -16.69 1.77
C ILE A 376 -7.70 -18.08 2.31
N LEU A 377 -8.91 -18.56 2.03
CA LEU A 377 -9.34 -19.86 2.52
C LEU A 377 -8.98 -21.03 1.62
N ALA A 378 -8.59 -20.75 0.38
CA ALA A 378 -8.22 -21.80 -0.58
C ALA A 378 -7.31 -22.82 0.10
N ALA A 379 -7.82 -24.04 0.26
CA ALA A 379 -7.05 -25.10 0.91
C ALA A 379 -5.87 -25.55 0.05
N ILE B 1 10.01 -1.12 -13.97
CA ILE B 1 9.66 -1.44 -12.55
C ILE B 1 9.69 -2.95 -12.27
N ASP B 2 10.09 -3.30 -11.05
CA ASP B 2 10.20 -4.67 -10.60
C ASP B 2 10.03 -4.73 -9.09
N PHE B 3 9.27 -5.71 -8.60
CA PHE B 3 9.03 -5.87 -7.16
C PHE B 3 9.52 -7.24 -6.72
N SER B 4 10.32 -7.89 -7.56
CA SER B 4 10.83 -9.23 -7.27
C SER B 4 12.07 -9.26 -6.38
N LEU B 5 12.17 -10.33 -5.58
CA LEU B 5 13.32 -10.53 -4.71
C LEU B 5 14.36 -11.28 -5.51
N THR B 6 15.64 -11.04 -5.21
CA THR B 6 16.70 -11.73 -5.92
C THR B 6 16.88 -13.11 -5.27
N GLU B 7 17.71 -13.94 -5.89
CA GLU B 7 17.93 -15.27 -5.36
C GLU B 7 18.50 -15.23 -3.96
N GLU B 8 19.34 -14.24 -3.67
CA GLU B 8 19.92 -14.13 -2.34
C GLU B 8 18.87 -13.71 -1.32
N GLN B 9 18.02 -12.77 -1.72
CA GLN B 9 16.99 -12.28 -0.81
C GLN B 9 16.07 -13.42 -0.38
N ARG B 10 15.66 -14.26 -1.33
CA ARG B 10 14.81 -15.39 -0.99
C ARG B 10 15.52 -16.31 -0.01
N GLN B 11 16.82 -16.45 -0.19
CA GLN B 11 17.63 -17.30 0.69
C GLN B 11 17.60 -16.68 2.08
N LEU B 12 17.86 -15.38 2.13
CA LEU B 12 17.88 -14.67 3.39
C LEU B 12 16.48 -14.76 4.02
N GLN B 13 15.45 -14.66 3.18
CA GLN B 13 14.08 -14.75 3.67
C GLN B 13 13.79 -16.11 4.26
N ALA B 14 14.19 -17.16 3.54
CA ALA B 14 13.98 -18.53 4.02
C ALA B 14 14.73 -18.73 5.33
N LEU B 15 15.97 -18.26 5.38
CA LEU B 15 16.78 -18.41 6.59
C LEU B 15 16.01 -17.76 7.73
N ALA B 16 15.72 -16.47 7.57
CA ALA B 16 14.99 -15.72 8.58
C ALA B 16 13.73 -16.46 9.02
N ARG B 17 12.90 -16.84 8.07
CA ARG B 17 11.67 -17.56 8.38
C ARG B 17 11.96 -18.84 9.18
N ARG B 18 12.97 -19.58 8.73
CA ARG B 18 13.37 -20.83 9.36
C ARG B 18 13.75 -20.58 10.82
N PHE B 19 14.51 -19.53 11.06
CA PHE B 19 14.95 -19.18 12.41
C PHE B 19 13.78 -18.80 13.31
N ALA B 20 12.88 -17.95 12.81
CA ALA B 20 11.71 -17.51 13.57
C ALA B 20 10.85 -18.67 14.03
N LYS B 21 10.53 -19.57 13.11
CA LYS B 21 9.70 -20.73 13.39
C LYS B 21 10.35 -21.76 14.31
N GLU B 22 11.62 -22.06 14.08
CA GLU B 22 12.33 -23.04 14.88
C GLU B 22 12.89 -22.49 16.20
N VAL B 23 13.32 -21.23 16.22
CA VAL B 23 13.91 -20.68 17.43
C VAL B 23 13.06 -19.67 18.20
N ILE B 24 12.53 -18.67 17.50
CA ILE B 24 11.74 -17.66 18.21
C ILE B 24 10.34 -18.12 18.61
N LEU B 25 9.57 -18.56 17.63
CA LEU B 25 8.20 -19.00 17.86
C LEU B 25 7.98 -19.90 19.09
N PRO B 26 8.89 -20.85 19.34
CA PRO B 26 8.72 -21.72 20.50
C PRO B 26 8.86 -21.08 21.89
N VAL B 27 9.75 -20.10 22.03
CA VAL B 27 9.93 -19.48 23.35
C VAL B 27 9.23 -18.14 23.55
N ALA B 28 8.54 -17.66 22.51
CA ALA B 28 7.85 -16.39 22.58
C ALA B 28 7.00 -16.24 23.83
N GLN B 29 6.12 -17.19 24.09
CA GLN B 29 5.23 -17.15 25.26
C GLN B 29 5.99 -17.16 26.57
N GLU B 30 7.05 -17.95 26.61
CA GLU B 30 7.88 -18.08 27.80
C GLU B 30 8.43 -16.73 28.27
N TYR B 31 9.15 -16.04 27.38
CA TYR B 31 9.75 -14.75 27.72
C TYR B 31 8.77 -13.61 27.92
N ASP B 32 7.67 -13.64 27.20
CA ASP B 32 6.66 -12.60 27.37
C ASP B 32 6.18 -12.66 28.82
N GLU B 33 6.05 -13.89 29.32
CA GLU B 33 5.56 -14.11 30.68
C GLU B 33 6.60 -13.87 31.77
N LYS B 34 7.86 -14.20 31.50
CA LYS B 34 8.92 -13.99 32.49
C LYS B 34 9.44 -12.56 32.39
N GLU B 35 9.25 -11.94 31.24
CA GLU B 35 9.72 -10.58 31.01
C GLU B 35 11.23 -10.55 31.28
N GLU B 36 11.94 -11.37 30.52
CA GLU B 36 13.39 -11.49 30.60
C GLU B 36 13.94 -11.57 29.18
N VAL B 37 15.19 -11.16 29.01
CA VAL B 37 15.80 -11.20 27.68
C VAL B 37 16.27 -12.60 27.32
N PRO B 38 15.80 -13.13 26.18
CA PRO B 38 16.16 -14.46 25.69
C PRO B 38 17.56 -14.43 25.09
N TRP B 39 18.57 -14.36 25.93
CA TRP B 39 19.94 -14.33 25.42
C TRP B 39 20.28 -15.50 24.52
N PRO B 40 19.74 -16.69 24.84
CA PRO B 40 20.02 -17.88 24.00
C PRO B 40 19.57 -17.65 22.55
N VAL B 41 18.52 -16.84 22.36
CA VAL B 41 18.02 -16.53 21.02
C VAL B 41 18.99 -15.58 20.32
N ILE B 42 19.47 -14.59 21.05
CA ILE B 42 20.42 -13.62 20.51
C ILE B 42 21.65 -14.38 20.05
N GLU B 43 22.13 -15.28 20.90
CA GLU B 43 23.29 -16.10 20.58
C GLU B 43 23.01 -16.90 19.32
N LYS B 44 21.80 -17.49 19.24
CA LYS B 44 21.40 -18.27 18.08
C LYS B 44 21.38 -17.35 16.85
N LEU B 45 20.93 -16.12 17.04
CA LEU B 45 20.87 -15.13 15.97
C LEU B 45 22.25 -14.90 15.38
N HIS B 46 23.19 -14.58 16.27
CA HIS B 46 24.57 -14.34 15.89
C HIS B 46 25.09 -15.52 15.08
N GLU B 47 25.01 -16.71 15.66
CA GLU B 47 25.50 -17.92 15.01
C GLU B 47 24.95 -18.09 13.59
N VAL B 48 23.66 -17.83 13.40
CA VAL B 48 23.13 -18.00 12.06
C VAL B 48 23.46 -16.80 11.16
N GLY B 49 24.22 -15.85 11.72
CA GLY B 49 24.64 -14.68 10.97
C GLY B 49 23.67 -13.51 10.80
N LEU B 50 22.54 -13.53 11.50
CA LEU B 50 21.56 -12.45 11.36
C LEU B 50 21.56 -11.39 12.47
N LEU B 51 22.58 -11.39 13.32
CA LEU B 51 22.65 -10.39 14.38
C LEU B 51 23.49 -9.23 13.87
N ASN B 52 22.96 -8.01 13.96
CA ASN B 52 23.66 -6.83 13.48
C ASN B 52 24.20 -7.05 12.08
N ALA B 53 23.40 -7.70 11.23
CA ALA B 53 23.84 -8.00 9.86
C ALA B 53 23.86 -6.82 8.90
N ILE B 54 23.49 -5.64 9.39
CA ILE B 54 23.51 -4.45 8.52
C ILE B 54 24.91 -3.89 8.51
N ILE B 55 25.74 -4.39 9.41
CA ILE B 55 27.11 -3.93 9.47
C ILE B 55 27.78 -4.35 8.16
N PRO B 56 28.46 -3.40 7.50
CA PRO B 56 29.13 -3.70 6.23
C PRO B 56 30.08 -4.88 6.33
N GLU B 57 30.34 -5.53 5.20
CA GLU B 57 31.24 -6.68 5.19
C GLU B 57 32.65 -6.31 5.65
N GLU B 58 32.99 -5.02 5.54
CA GLU B 58 34.32 -4.54 5.94
C GLU B 58 34.56 -4.64 7.42
N TYR B 59 33.50 -4.85 8.20
CA TYR B 59 33.65 -4.96 9.64
C TYR B 59 33.09 -6.28 10.19
N GLY B 60 32.82 -7.23 9.30
CA GLY B 60 32.33 -8.54 9.73
C GLY B 60 30.85 -8.83 9.52
N GLY B 61 30.07 -7.82 9.15
CA GLY B 61 28.65 -8.05 8.93
C GLY B 61 28.35 -8.52 7.52
N MET B 62 27.07 -8.68 7.20
CA MET B 62 26.65 -9.11 5.87
C MET B 62 26.44 -7.91 4.97
N GLY B 63 26.52 -6.71 5.54
CA GLY B 63 26.30 -5.51 4.75
C GLY B 63 24.86 -5.42 4.25
N LEU B 64 23.94 -6.08 4.96
CA LEU B 64 22.52 -6.10 4.61
C LEU B 64 21.95 -4.68 4.38
N LYS B 65 21.14 -4.55 3.33
CA LYS B 65 20.52 -3.27 2.99
C LYS B 65 19.11 -3.13 3.56
N MET B 66 18.50 -1.95 3.43
CA MET B 66 17.17 -1.74 3.98
C MET B 66 16.12 -2.70 3.45
N LEU B 67 16.20 -3.04 2.17
CA LEU B 67 15.27 -3.99 1.60
C LEU B 67 15.45 -5.32 2.33
N ASP B 68 16.71 -5.68 2.58
CA ASP B 68 17.04 -6.91 3.26
C ASP B 68 16.48 -6.90 4.70
N GLU B 69 16.64 -5.78 5.41
CA GLU B 69 16.15 -5.68 6.78
C GLU B 69 14.64 -5.92 6.80
N VAL B 70 13.94 -5.31 5.85
CA VAL B 70 12.49 -5.46 5.76
C VAL B 70 12.14 -6.93 5.58
N ILE B 71 12.87 -7.59 4.68
CA ILE B 71 12.66 -8.99 4.40
C ILE B 71 12.83 -9.83 5.67
N VAL B 72 13.95 -9.63 6.36
CA VAL B 72 14.24 -10.35 7.59
C VAL B 72 13.29 -9.96 8.71
N GLY B 73 13.14 -8.65 8.92
CA GLY B 73 12.28 -8.15 9.97
C GLY B 73 10.87 -8.71 10.01
N GLU B 74 10.18 -8.68 8.86
CA GLU B 74 8.83 -9.21 8.80
C GLU B 74 8.80 -10.66 9.26
N GLU B 75 9.84 -11.42 8.91
CA GLU B 75 9.95 -12.83 9.30
C GLU B 75 10.16 -13.01 10.80
N LEU B 76 11.08 -12.23 11.37
CA LEU B 76 11.34 -12.36 12.79
C LEU B 76 10.12 -11.91 13.59
N ALA B 77 9.69 -10.66 13.39
CA ALA B 77 8.54 -10.12 14.09
C ALA B 77 7.30 -11.00 13.99
N TYR B 78 7.21 -11.79 12.91
CA TYR B 78 6.08 -12.69 12.71
C TYR B 78 5.96 -13.68 13.87
N ALA B 79 7.11 -14.13 14.37
CA ALA B 79 7.14 -15.07 15.48
C ALA B 79 6.95 -14.32 16.79
N CYS B 80 7.55 -13.13 16.88
CA CYS B 80 7.45 -12.30 18.08
C CYS B 80 8.03 -10.91 17.86
N MET B 81 7.18 -9.89 17.96
CA MET B 81 7.62 -8.51 17.79
C MET B 81 8.56 -8.07 18.92
N GLY B 82 8.28 -8.53 20.13
CA GLY B 82 9.09 -8.18 21.27
C GLY B 82 10.52 -8.68 21.14
N ILE B 83 10.67 -9.92 20.70
CA ILE B 83 12.00 -10.48 20.50
C ILE B 83 12.66 -9.84 19.28
N TYR B 84 11.86 -9.51 18.29
CA TYR B 84 12.42 -8.87 17.10
C TYR B 84 12.96 -7.48 17.44
N THR B 85 12.34 -6.84 18.42
CA THR B 85 12.78 -5.50 18.82
C THR B 85 14.22 -5.46 19.32
N ILE B 86 14.74 -6.58 19.79
CA ILE B 86 16.12 -6.61 20.27
C ILE B 86 17.10 -6.34 19.12
N PRO B 87 17.10 -7.19 18.08
CA PRO B 87 18.04 -6.92 16.98
C PRO B 87 17.69 -5.61 16.22
N MET B 88 16.40 -5.31 16.13
CA MET B 88 15.93 -4.10 15.46
C MET B 88 16.51 -2.86 16.16
N ALA B 89 16.40 -2.82 17.48
CA ALA B 89 16.92 -1.70 18.26
C ALA B 89 18.43 -1.62 18.12
N SER B 90 19.07 -2.79 18.05
CA SER B 90 20.51 -2.86 17.91
C SER B 90 20.93 -2.22 16.58
N ASP B 91 20.15 -2.45 15.52
CA ASP B 91 20.45 -1.87 14.21
C ASP B 91 20.26 -0.35 14.29
N LEU B 92 19.36 0.07 15.18
CA LEU B 92 19.07 1.48 15.40
C LEU B 92 20.31 2.18 15.98
N GLY B 93 20.90 1.56 17.00
CA GLY B 93 22.08 2.14 17.62
C GLY B 93 23.26 2.15 16.66
N ILE B 94 23.29 1.14 15.79
CA ILE B 94 24.35 1.01 14.82
C ILE B 94 24.26 2.07 13.72
N THR B 95 23.02 2.41 13.34
CA THR B 95 22.79 3.39 12.28
C THR B 95 23.56 4.72 12.38
N PRO B 96 23.58 5.35 13.57
CA PRO B 96 24.31 6.62 13.69
C PRO B 96 25.79 6.50 13.36
N VAL B 97 26.42 5.42 13.82
CA VAL B 97 27.83 5.20 13.55
C VAL B 97 28.06 4.94 12.06
N LEU B 98 27.10 4.28 11.42
CA LEU B 98 27.23 4.02 9.99
C LEU B 98 27.13 5.31 9.20
N LEU B 99 26.28 6.22 9.68
CA LEU B 99 26.06 7.50 9.01
C LEU B 99 27.12 8.55 9.29
N ALA B 100 27.47 8.70 10.56
CA ALA B 100 28.42 9.73 10.97
C ALA B 100 29.83 9.27 11.39
N GLY B 101 29.96 8.04 11.85
CA GLY B 101 31.27 7.55 12.28
C GLY B 101 32.35 7.51 11.20
N THR B 102 33.60 7.60 11.62
CA THR B 102 34.74 7.53 10.71
C THR B 102 35.10 6.06 10.52
N GLU B 103 36.06 5.77 9.65
CA GLU B 103 36.45 4.38 9.43
C GLU B 103 36.96 3.80 10.74
N GLU B 104 37.74 4.59 11.48
CA GLU B 104 38.31 4.20 12.76
C GLU B 104 37.21 3.79 13.75
N GLN B 105 36.21 4.66 13.90
CA GLN B 105 35.10 4.41 14.81
C GLN B 105 34.22 3.23 14.34
N LYS B 106 33.98 3.14 13.03
CA LYS B 106 33.17 2.04 12.50
C LYS B 106 33.81 0.72 12.89
N GLU B 107 35.11 0.61 12.59
CA GLU B 107 35.89 -0.58 12.91
C GLU B 107 35.90 -0.86 14.41
N ARG B 108 36.10 0.19 15.19
CA ARG B 108 36.18 0.08 16.63
C ARG B 108 34.86 -0.33 17.29
N PHE B 109 33.78 0.38 16.97
CA PHE B 109 32.46 0.13 17.55
C PHE B 109 31.67 -1.01 16.91
N LEU B 110 31.92 -1.26 15.63
CA LEU B 110 31.19 -2.30 14.90
C LEU B 110 31.81 -3.70 14.88
N ARG B 111 33.13 -3.78 14.97
CA ARG B 111 33.80 -5.07 14.94
C ARG B 111 33.31 -6.01 16.05
N PRO B 112 33.29 -5.53 17.31
CA PRO B 112 32.83 -6.34 18.43
C PRO B 112 31.39 -6.83 18.29
N LEU B 113 30.62 -6.23 17.38
CA LEU B 113 29.23 -6.64 17.20
C LEU B 113 29.04 -7.70 16.12
N THR B 114 30.11 -8.04 15.41
CA THR B 114 30.04 -9.08 14.40
C THR B 114 30.72 -10.35 14.91
N GLU B 115 31.61 -10.19 15.89
CA GLU B 115 32.35 -11.33 16.41
C GLU B 115 31.68 -12.16 17.49
N LYS B 116 30.72 -11.57 18.19
CA LYS B 116 30.04 -12.29 19.26
C LYS B 116 28.60 -11.81 19.42
N PRO B 117 27.84 -12.45 20.33
CA PRO B 117 26.45 -12.03 20.53
C PRO B 117 26.43 -10.73 21.31
N ALA B 118 26.53 -9.61 20.59
CA ALA B 118 26.54 -8.29 21.20
C ALA B 118 25.48 -7.34 20.61
N LEU B 119 24.98 -6.45 21.45
CA LEU B 119 23.94 -5.50 21.06
C LEU B 119 24.38 -4.03 21.17
N ALA B 120 23.76 -3.18 20.34
CA ALA B 120 24.01 -1.74 20.34
C ALA B 120 22.71 -1.06 20.73
N ALA B 121 22.78 0.19 21.18
CA ALA B 121 21.58 0.91 21.57
C ALA B 121 21.57 2.37 21.09
N PHE B 122 20.37 2.97 21.11
CA PHE B 122 20.10 4.34 20.66
C PHE B 122 19.33 5.04 21.80
N ALA B 123 19.94 6.04 22.43
CA ALA B 123 19.29 6.73 23.52
C ALA B 123 18.96 8.21 23.27
N LEU B 124 17.74 8.47 22.79
CA LEU B 124 17.28 9.83 22.52
C LEU B 124 16.24 10.32 23.54
N SER B 125 15.20 9.53 23.75
CA SER B 125 14.13 9.86 24.69
C SER B 125 14.60 10.06 26.13
N GLU B 126 13.86 10.87 26.87
CA GLU B 126 14.16 11.16 28.26
C GLU B 126 12.85 11.12 29.03
N PRO B 127 12.91 11.08 30.36
CA PRO B 127 11.68 11.04 31.17
C PRO B 127 10.66 12.11 30.80
N GLY B 128 11.12 13.34 30.68
CA GLY B 128 10.21 14.43 30.36
C GLY B 128 10.24 14.91 28.93
N ASN B 129 10.83 14.12 28.04
CA ASN B 129 10.92 14.50 26.64
C ASN B 129 11.29 13.30 25.78
N GLY B 130 10.33 12.87 24.95
CA GLY B 130 10.56 11.75 24.07
C GLY B 130 10.16 12.06 22.65
N SER B 131 9.53 13.22 22.43
CA SER B 131 9.10 13.58 21.08
C SER B 131 9.75 14.83 20.49
N ASP B 132 10.62 15.49 21.24
CA ASP B 132 11.28 16.70 20.76
C ASP B 132 12.79 16.64 20.98
N ALA B 133 13.51 16.16 19.98
CA ALA B 133 14.96 16.04 20.07
C ALA B 133 15.62 17.40 20.20
N ALA B 134 14.83 18.47 20.13
CA ALA B 134 15.39 19.82 20.23
C ALA B 134 15.36 20.35 21.65
N ALA B 135 14.72 19.63 22.56
CA ALA B 135 14.61 20.07 23.94
C ALA B 135 15.18 19.04 24.91
N LEU B 136 16.14 18.25 24.43
CA LEU B 136 16.74 17.21 25.27
C LEU B 136 17.39 17.87 26.48
N LYS B 137 17.31 17.22 27.63
CA LYS B 137 17.91 17.80 28.84
C LYS B 137 19.28 17.25 29.14
N THR B 138 19.56 16.01 28.74
CA THR B 138 20.87 15.45 29.02
C THR B 138 21.96 16.37 28.46
N ARG B 139 22.86 16.78 29.33
CA ARG B 139 23.93 17.71 28.96
C ARG B 139 25.29 17.06 28.76
N ALA B 140 26.02 17.57 27.78
CA ALA B 140 27.36 17.11 27.49
C ALA B 140 28.24 18.37 27.42
N ILE B 141 29.16 18.50 28.37
CA ILE B 141 30.06 19.65 28.42
C ILE B 141 31.46 19.22 28.02
N ARG B 142 31.96 19.79 26.92
CA ARG B 142 33.30 19.41 26.48
C ARG B 142 34.30 19.90 27.52
N GLN B 143 35.15 18.98 27.95
CA GLN B 143 36.16 19.26 28.95
C GLN B 143 37.47 18.58 28.54
N GLY B 144 38.21 19.23 27.64
CA GLY B 144 39.47 18.68 27.18
C GLY B 144 39.34 17.58 26.13
N ASP B 145 39.82 16.39 26.48
CA ASP B 145 39.80 15.24 25.58
C ASP B 145 38.53 14.41 25.79
N HIS B 146 37.58 14.95 26.54
CA HIS B 146 36.34 14.23 26.82
C HIS B 146 35.15 15.15 27.14
N TYR B 147 33.96 14.58 27.07
CA TYR B 147 32.75 15.30 27.41
C TYR B 147 32.32 14.78 28.78
N VAL B 148 31.74 15.68 29.57
CA VAL B 148 31.24 15.31 30.87
C VAL B 148 29.74 15.19 30.64
N LEU B 149 29.28 13.95 30.57
CA LEU B 149 27.89 13.63 30.30
C LEU B 149 27.08 13.51 31.59
N ASN B 150 25.94 14.19 31.65
CA ASN B 150 25.06 14.17 32.81
C ASN B 150 23.60 14.24 32.37
N GLY B 151 22.79 13.30 32.85
CA GLY B 151 21.39 13.27 32.50
C GLY B 151 20.77 11.89 32.47
N THR B 152 19.45 11.84 32.44
CA THR B 152 18.73 10.58 32.40
C THR B 152 18.01 10.34 31.07
N LYS B 153 18.24 9.17 30.48
CA LYS B 153 17.58 8.79 29.23
C LYS B 153 16.50 7.78 29.63
N MET B 154 15.37 7.81 28.94
CA MET B 154 14.26 6.92 29.27
C MET B 154 13.77 6.04 28.13
N TRP B 155 13.24 4.87 28.49
CA TRP B 155 12.74 3.90 27.52
C TRP B 155 13.80 3.43 26.53
N ILE B 156 14.99 3.04 26.99
CA ILE B 156 15.99 2.63 26.01
C ILE B 156 16.07 1.12 25.75
N SER B 157 15.68 0.71 24.54
CA SER B 157 15.72 -0.71 24.16
C SER B 157 17.16 -1.17 24.12
N ASN B 158 17.44 -2.33 24.72
CA ASN B 158 18.80 -2.89 24.77
C ASN B 158 19.72 -2.05 25.64
N GLY B 159 19.14 -1.12 26.40
CA GLY B 159 19.93 -0.25 27.25
C GLY B 159 20.95 -0.92 28.16
N GLY B 160 20.54 -1.96 28.87
CA GLY B 160 21.46 -2.63 29.78
C GLY B 160 22.30 -3.74 29.17
N GLU B 161 21.87 -4.29 28.04
CA GLU B 161 22.62 -5.38 27.40
C GLU B 161 23.67 -4.96 26.36
N ALA B 162 23.52 -3.76 25.80
CA ALA B 162 24.43 -3.25 24.78
C ALA B 162 25.86 -2.99 25.25
N GLU B 163 26.82 -3.18 24.34
CA GLU B 163 28.22 -2.93 24.64
C GLU B 163 28.42 -1.42 24.80
N TRP B 164 27.66 -0.65 24.00
CA TRP B 164 27.71 0.81 24.05
C TRP B 164 26.39 1.42 23.55
N VAL B 165 26.17 2.68 23.90
CA VAL B 165 24.96 3.39 23.52
C VAL B 165 25.26 4.71 22.81
N VAL B 166 24.48 5.02 21.78
CA VAL B 166 24.65 6.29 21.09
C VAL B 166 23.75 7.22 21.88
N VAL B 167 24.36 8.15 22.61
CA VAL B 167 23.60 9.10 23.43
C VAL B 167 23.53 10.47 22.79
N PHE B 168 22.32 10.98 22.61
CA PHE B 168 22.16 12.31 22.03
C PHE B 168 22.01 13.28 23.20
N ALA B 169 22.89 14.27 23.24
CA ALA B 169 22.86 15.27 24.31
C ALA B 169 23.06 16.69 23.80
N THR B 170 22.65 17.67 24.59
CA THR B 170 22.81 19.06 24.20
C THR B 170 24.03 19.69 24.88
N VAL B 171 24.84 20.39 24.09
CA VAL B 171 26.01 21.08 24.61
C VAL B 171 25.61 22.53 24.90
N ASN B 172 24.38 22.87 24.53
CA ASN B 172 23.83 24.20 24.75
C ASN B 172 22.32 24.23 24.50
N PRO B 173 21.53 24.35 25.57
CA PRO B 173 20.06 24.38 25.46
C PRO B 173 19.57 25.46 24.49
N GLU B 174 20.06 26.70 24.67
CA GLU B 174 19.66 27.83 23.83
C GLU B 174 19.84 27.62 22.34
N LEU B 175 20.73 26.70 21.95
CA LEU B 175 20.95 26.44 20.54
C LEU B 175 19.92 25.46 20.00
N ARG B 176 19.12 24.90 20.91
CA ARG B 176 18.05 23.97 20.57
C ARG B 176 18.51 22.80 19.68
N HIS B 177 17.92 22.63 18.50
CA HIS B 177 18.34 21.53 17.66
C HIS B 177 19.83 21.59 17.31
N LYS B 178 20.38 22.80 17.21
CA LYS B 178 21.79 22.98 16.89
C LYS B 178 22.73 22.68 18.07
N GLY B 179 22.17 22.47 19.26
CA GLY B 179 23.01 22.18 20.40
C GLY B 179 23.24 20.70 20.66
N VAL B 180 22.67 19.84 19.80
CA VAL B 180 22.81 18.41 20.00
C VAL B 180 24.07 17.73 19.45
N VAL B 181 24.64 16.84 20.27
CA VAL B 181 25.84 16.09 19.92
C VAL B 181 25.60 14.59 20.15
N ALA B 182 26.16 13.77 19.28
CA ALA B 182 26.01 12.32 19.37
C ALA B 182 27.27 11.72 20.00
N LEU B 183 27.08 10.96 21.07
CA LEU B 183 28.20 10.34 21.77
C LEU B 183 27.98 8.85 22.02
N VAL B 184 29.03 8.07 21.79
CA VAL B 184 28.96 6.64 22.02
C VAL B 184 29.47 6.39 23.43
N VAL B 185 28.61 5.88 24.29
CA VAL B 185 28.98 5.59 25.68
C VAL B 185 29.09 4.07 25.85
N GLU B 186 30.27 3.61 26.25
CA GLU B 186 30.51 2.17 26.41
C GLU B 186 29.96 1.62 27.74
N ARG B 187 29.59 0.34 27.73
CA ARG B 187 28.98 -0.33 28.88
C ARG B 187 29.64 -0.21 30.26
N GLY B 188 30.97 -0.22 30.34
CA GLY B 188 31.59 -0.13 31.65
C GLY B 188 31.83 1.27 32.20
N THR B 189 31.84 2.27 31.31
CA THR B 189 32.11 3.65 31.69
C THR B 189 31.51 4.11 33.02
N PRO B 190 32.36 4.42 34.00
CA PRO B 190 32.02 4.89 35.35
C PRO B 190 30.94 5.96 35.41
N GLY B 191 29.99 5.79 36.33
CA GLY B 191 28.91 6.76 36.45
C GLY B 191 27.78 6.53 35.47
N PHE B 192 27.76 5.36 34.86
CA PHE B 192 26.73 5.01 33.88
C PHE B 192 25.89 3.83 34.40
N LYS B 193 24.76 4.15 35.03
CA LYS B 193 23.84 3.15 35.57
C LYS B 193 22.79 2.78 34.52
N ALA B 194 22.28 1.56 34.63
CA ALA B 194 21.21 1.09 33.74
C ALA B 194 20.19 0.42 34.65
N ILE B 195 18.97 0.96 34.67
CA ILE B 195 17.90 0.39 35.49
C ILE B 195 16.87 -0.18 34.53
N LYS B 196 16.53 -1.46 34.72
CA LYS B 196 15.55 -2.11 33.85
C LYS B 196 14.10 -1.72 34.20
N ILE B 197 13.33 -1.42 33.17
CA ILE B 197 11.93 -1.05 33.29
C ILE B 197 11.09 -2.33 33.25
N HIS B 198 10.15 -2.47 34.17
CA HIS B 198 9.31 -3.66 34.21
C HIS B 198 7.83 -3.30 34.11
N GLY B 199 7.00 -4.32 33.91
CA GLY B 199 5.57 -4.10 33.82
C GLY B 199 5.06 -3.50 32.52
N LYS B 200 5.61 -3.92 31.38
CA LYS B 200 5.13 -3.41 30.10
C LYS B 200 3.97 -4.30 29.63
N MET B 201 3.09 -3.71 28.82
CA MET B 201 1.93 -4.43 28.30
C MET B 201 2.33 -5.49 27.28
N GLY B 202 3.40 -5.23 26.55
CA GLY B 202 3.86 -6.18 25.54
C GLY B 202 5.35 -6.07 25.26
N GLN B 203 5.81 -6.76 24.21
CA GLN B 203 7.22 -6.78 23.84
C GLN B 203 8.05 -6.97 25.10
N ARG B 204 7.49 -7.73 26.02
CA ARG B 204 8.10 -8.01 27.31
C ARG B 204 9.49 -8.65 27.24
N ALA B 205 9.75 -9.39 26.16
CA ALA B 205 11.04 -10.04 25.99
C ALA B 205 12.14 -9.01 25.74
N SER B 206 11.78 -7.90 25.11
CA SER B 206 12.74 -6.84 24.82
C SER B 206 13.06 -6.06 26.10
N GLY B 207 14.36 -5.83 26.34
CA GLY B 207 14.77 -5.11 27.54
C GLY B 207 14.79 -3.61 27.37
N THR B 208 13.97 -2.92 28.16
CA THR B 208 13.87 -1.47 28.12
C THR B 208 14.38 -0.90 29.45
N TYR B 209 15.29 0.06 29.36
CA TYR B 209 15.91 0.65 30.55
C TYR B 209 15.85 2.15 30.69
N GLU B 210 16.10 2.59 31.92
CA GLU B 210 16.21 4.00 32.24
C GLU B 210 17.73 4.07 32.35
N LEU B 211 18.34 5.06 31.71
CA LEU B 211 19.78 5.17 31.77
C LEU B 211 20.14 6.45 32.49
N VAL B 212 21.01 6.32 33.49
CA VAL B 212 21.47 7.45 34.28
C VAL B 212 22.97 7.67 34.07
N PHE B 213 23.32 8.89 33.63
CA PHE B 213 24.72 9.25 33.41
C PHE B 213 25.14 10.29 34.44
N GLU B 214 25.99 9.89 35.38
CA GLU B 214 26.48 10.81 36.40
C GLU B 214 27.93 11.11 36.08
N ASP B 215 28.22 12.38 35.78
CA ASP B 215 29.56 12.82 35.44
C ASP B 215 30.31 11.75 34.66
N VAL B 216 29.68 11.25 33.60
CA VAL B 216 30.29 10.23 32.77
C VAL B 216 31.27 10.91 31.83
N LYS B 217 32.51 10.41 31.81
CA LYS B 217 33.54 10.96 30.93
C LYS B 217 33.57 10.19 29.63
N VAL B 218 33.19 10.85 28.54
CA VAL B 218 33.18 10.22 27.23
C VAL B 218 34.20 10.91 26.34
N PRO B 219 35.21 10.16 25.89
CA PRO B 219 36.26 10.73 25.03
C PRO B 219 35.74 11.32 23.72
N VAL B 220 36.40 12.38 23.25
CA VAL B 220 35.98 13.01 22.02
C VAL B 220 36.16 12.04 20.85
N GLU B 221 36.91 10.97 21.08
CA GLU B 221 37.10 9.97 20.03
C GLU B 221 35.81 9.18 19.91
N ASN B 222 34.86 9.49 20.80
CA ASN B 222 33.56 8.82 20.82
C ASN B 222 32.41 9.72 20.31
N ARG B 223 32.74 10.87 19.74
CA ARG B 223 31.70 11.76 19.21
C ARG B 223 31.45 11.44 17.75
N LEU B 224 30.19 11.30 17.37
CA LEU B 224 29.84 11.02 15.99
C LEU B 224 29.58 12.34 15.28
N GLY B 225 30.44 12.67 14.33
CA GLY B 225 30.29 13.92 13.61
C GLY B 225 30.76 15.06 14.49
N GLU B 226 30.30 16.27 14.22
CA GLU B 226 30.69 17.45 14.98
C GLU B 226 29.58 17.92 15.90
N GLU B 227 29.91 18.85 16.79
CA GLU B 227 28.91 19.39 17.70
C GLU B 227 27.89 20.13 16.85
N GLY B 228 26.62 20.01 17.21
CA GLY B 228 25.58 20.66 16.42
C GLY B 228 25.03 19.76 15.33
N GLU B 229 25.66 18.61 15.13
CA GLU B 229 25.21 17.67 14.11
C GLU B 229 24.40 16.51 14.70
N GLY B 230 24.27 16.50 16.03
CA GLY B 230 23.54 15.44 16.70
C GLY B 230 22.10 15.26 16.23
N PHE B 231 21.40 16.39 16.12
CA PHE B 231 20.00 16.38 15.69
C PHE B 231 19.80 15.77 14.32
N LYS B 232 20.57 16.23 13.34
CA LYS B 232 20.47 15.72 11.98
C LYS B 232 20.75 14.23 11.96
N ILE B 233 21.65 13.78 12.83
CA ILE B 233 21.98 12.37 12.89
C ILE B 233 20.80 11.56 13.42
N ALA B 234 20.21 12.03 14.52
CA ALA B 234 19.06 11.35 15.10
C ALA B 234 17.90 11.30 14.12
N MET B 235 17.71 12.37 13.36
CA MET B 235 16.64 12.44 12.38
C MET B 235 16.89 11.58 11.16
N GLN B 236 18.11 11.58 10.63
CA GLN B 236 18.42 10.77 9.45
C GLN B 236 18.33 9.30 9.80
N THR B 237 18.68 8.97 11.03
CA THR B 237 18.62 7.59 11.49
C THR B 237 17.16 7.13 11.54
N LEU B 238 16.33 7.89 12.24
CA LEU B 238 14.92 7.59 12.38
C LEU B 238 14.20 7.50 11.04
N ASN B 239 14.63 8.28 10.06
CA ASN B 239 13.98 8.21 8.76
C ASN B 239 14.13 6.79 8.18
N LYS B 240 15.24 6.12 8.51
CA LYS B 240 15.48 4.77 8.01
C LYS B 240 14.96 3.65 8.93
N THR B 241 15.24 3.79 10.23
CA THR B 241 14.85 2.78 11.20
C THR B 241 13.35 2.62 11.37
N ARG B 242 12.59 3.63 10.97
CA ARG B 242 11.14 3.52 11.08
C ARG B 242 10.59 2.49 10.11
N ILE B 243 11.33 2.25 9.02
CA ILE B 243 10.92 1.28 8.01
C ILE B 243 10.85 -0.11 8.63
N PRO B 244 11.85 -0.49 9.45
CA PRO B 244 11.81 -1.82 10.07
C PRO B 244 10.62 -1.94 11.03
N VAL B 245 10.23 -0.84 11.66
CA VAL B 245 9.10 -0.88 12.56
C VAL B 245 7.85 -1.17 11.74
N ALA B 246 7.82 -0.65 10.52
CA ALA B 246 6.71 -0.87 9.61
C ALA B 246 6.77 -2.34 9.16
N ALA B 247 7.97 -2.85 8.95
CA ALA B 247 8.16 -4.23 8.52
C ALA B 247 7.69 -5.18 9.62
N GLY B 248 8.06 -4.87 10.87
CA GLY B 248 7.67 -5.71 11.98
C GLY B 248 6.15 -5.74 12.08
N SER B 249 5.54 -4.56 12.04
CA SER B 249 4.08 -4.43 12.10
C SER B 249 3.40 -5.38 11.10
N VAL B 250 3.91 -5.38 9.88
CA VAL B 250 3.41 -6.24 8.81
C VAL B 250 3.52 -7.69 9.22
N GLY B 251 4.61 -8.03 9.89
CA GLY B 251 4.85 -9.39 10.35
C GLY B 251 3.86 -9.84 11.41
N VAL B 252 3.53 -8.92 12.31
CA VAL B 252 2.58 -9.21 13.37
C VAL B 252 1.19 -9.37 12.75
N ALA B 253 0.86 -8.48 11.82
CA ALA B 253 -0.43 -8.54 11.16
C ALA B 253 -0.56 -9.87 10.40
N ARG B 254 0.52 -10.31 9.75
CA ARG B 254 0.50 -11.58 9.01
C ARG B 254 0.30 -12.74 9.99
N ARG B 255 0.96 -12.66 11.14
CA ARG B 255 0.83 -13.70 12.15
C ARG B 255 -0.61 -13.73 12.66
N ALA B 256 -1.26 -12.57 12.70
CA ALA B 256 -2.64 -12.47 13.16
C ALA B 256 -3.57 -13.14 12.14
N LEU B 257 -3.26 -12.95 10.86
CA LEU B 257 -4.05 -13.53 9.80
C LEU B 257 -3.94 -15.05 9.81
N ASP B 258 -2.72 -15.56 10.02
CA ASP B 258 -2.46 -17.00 10.06
C ASP B 258 -3.17 -17.71 11.20
N GLU B 259 -3.06 -17.15 12.40
CA GLU B 259 -3.73 -17.73 13.55
C GLU B 259 -5.25 -17.72 13.35
N ALA B 260 -5.77 -16.54 13.05
CA ALA B 260 -7.20 -16.34 12.84
C ALA B 260 -7.80 -17.30 11.82
N ARG B 261 -7.12 -17.45 10.68
CA ARG B 261 -7.59 -18.33 9.62
C ARG B 261 -7.56 -19.80 10.01
N LYS B 262 -6.47 -20.23 10.64
CA LYS B 262 -6.33 -21.61 11.09
C LYS B 262 -7.44 -21.94 12.08
N TYR B 263 -7.74 -20.98 12.95
CA TYR B 263 -8.79 -21.17 13.95
C TYR B 263 -10.17 -21.14 13.29
N ALA B 264 -10.36 -20.21 12.36
CA ALA B 264 -11.62 -20.06 11.65
C ALA B 264 -12.02 -21.33 10.90
N LYS B 265 -11.04 -22.01 10.33
CA LYS B 265 -11.27 -23.25 9.59
C LYS B 265 -11.61 -24.42 10.51
N GLU B 266 -10.93 -24.50 11.64
CA GLU B 266 -11.14 -25.61 12.59
C GLU B 266 -12.34 -25.41 13.53
N ARG B 267 -12.51 -24.20 14.07
CA ARG B 267 -13.62 -23.94 14.99
C ARG B 267 -14.97 -23.83 14.32
N GLU B 268 -15.96 -24.55 14.84
CA GLU B 268 -17.30 -24.54 14.27
C GLU B 268 -18.33 -23.98 15.24
N ALA B 269 -19.41 -23.47 14.67
CA ALA B 269 -20.50 -22.91 15.45
C ALA B 269 -21.73 -22.98 14.54
N PHE B 270 -22.86 -23.41 15.09
CA PHE B 270 -24.07 -23.53 14.30
C PHE B 270 -23.83 -24.55 13.17
N GLY B 271 -23.14 -25.63 13.54
CA GLY B 271 -22.82 -26.73 12.61
C GLY B 271 -22.02 -26.35 11.39
N GLU B 272 -20.91 -25.64 11.56
CA GLU B 272 -20.13 -25.21 10.40
C GLU B 272 -18.88 -24.45 10.82
N PRO B 273 -17.80 -24.54 10.03
CA PRO B 273 -16.58 -23.80 10.36
C PRO B 273 -16.90 -22.31 10.31
N ILE B 274 -16.51 -21.56 11.34
CA ILE B 274 -16.81 -20.14 11.37
C ILE B 274 -16.27 -19.42 10.15
N ALA B 275 -15.25 -20.01 9.51
CA ALA B 275 -14.66 -19.44 8.32
C ALA B 275 -15.71 -19.34 7.22
N ASN B 276 -16.75 -20.16 7.32
CA ASN B 276 -17.82 -20.15 6.31
C ASN B 276 -18.72 -18.93 6.45
N PHE B 277 -18.64 -18.24 7.59
CA PHE B 277 -19.47 -17.06 7.82
C PHE B 277 -18.83 -15.83 7.20
N GLN B 278 -19.63 -15.11 6.43
CA GLN B 278 -19.19 -13.92 5.73
C GLN B 278 -18.62 -12.83 6.64
N ALA B 279 -19.17 -12.68 7.84
CA ALA B 279 -18.67 -11.67 8.76
C ALA B 279 -17.23 -11.96 9.14
N ILE B 280 -16.91 -13.24 9.32
CA ILE B 280 -15.57 -13.69 9.67
C ILE B 280 -14.65 -13.63 8.46
N GLN B 281 -15.19 -13.93 7.28
CA GLN B 281 -14.39 -13.90 6.07
C GLN B 281 -13.91 -12.47 5.80
N PHE B 282 -14.81 -11.51 5.98
CA PHE B 282 -14.50 -10.10 5.77
C PHE B 282 -13.46 -9.57 6.75
N LYS B 283 -13.45 -10.09 7.98
CA LYS B 283 -12.46 -9.65 8.96
C LYS B 283 -11.11 -10.11 8.42
N LEU B 284 -11.06 -11.36 7.95
CA LEU B 284 -9.82 -11.93 7.41
C LEU B 284 -9.38 -11.18 6.16
N VAL B 285 -10.34 -10.78 5.33
CA VAL B 285 -10.05 -10.05 4.11
C VAL B 285 -9.45 -8.70 4.46
N ASP B 286 -10.02 -8.01 5.46
CA ASP B 286 -9.49 -6.71 5.84
C ASP B 286 -8.06 -6.82 6.37
N MET B 287 -7.76 -7.93 7.04
CA MET B 287 -6.40 -8.13 7.54
C MET B 287 -5.43 -8.16 6.34
N LEU B 288 -5.73 -9.02 5.37
CA LEU B 288 -4.90 -9.18 4.18
C LEU B 288 -4.76 -7.90 3.37
N ILE B 289 -5.80 -7.07 3.33
CA ILE B 289 -5.74 -5.82 2.59
C ILE B 289 -4.68 -4.91 3.21
N GLY B 290 -4.71 -4.77 4.53
CA GLY B 290 -3.75 -3.95 5.23
C GLY B 290 -2.35 -4.52 5.08
N ILE B 291 -2.22 -5.82 5.32
CA ILE B 291 -0.95 -6.51 5.19
C ILE B 291 -0.28 -6.28 3.84
N GLU B 292 -0.97 -6.67 2.77
CA GLU B 292 -0.48 -6.54 1.41
C GLU B 292 -0.11 -5.12 1.01
N THR B 293 -0.98 -4.17 1.35
CA THR B 293 -0.73 -2.78 1.02
C THR B 293 0.39 -2.21 1.89
N ALA B 294 0.45 -2.62 3.15
CA ALA B 294 1.48 -2.11 4.03
C ALA B 294 2.86 -2.67 3.67
N ARG B 295 2.92 -3.93 3.27
CA ARG B 295 4.21 -4.51 2.92
C ARG B 295 4.76 -3.85 1.66
N MET B 296 3.92 -3.70 0.65
CA MET B 296 4.38 -3.10 -0.60
C MET B 296 4.85 -1.67 -0.40
N TYR B 297 4.14 -0.91 0.42
CA TYR B 297 4.57 0.45 0.66
C TYR B 297 5.84 0.45 1.51
N THR B 298 6.02 -0.57 2.34
CA THR B 298 7.21 -0.68 3.17
C THR B 298 8.41 -1.01 2.28
N TYR B 299 8.19 -1.84 1.27
CA TYR B 299 9.26 -2.20 0.35
C TYR B 299 9.67 -0.96 -0.45
N TYR B 300 8.68 -0.16 -0.85
CA TYR B 300 8.93 1.06 -1.60
C TYR B 300 9.77 2.02 -0.78
N ALA B 301 9.45 2.13 0.51
CA ALA B 301 10.20 3.00 1.41
C ALA B 301 11.65 2.52 1.52
N ALA B 302 11.83 1.21 1.67
CA ALA B 302 13.18 0.63 1.78
C ALA B 302 13.94 0.85 0.47
N TRP B 303 13.22 0.76 -0.65
CA TRP B 303 13.81 0.97 -1.96
C TRP B 303 14.38 2.38 -2.03
N LEU B 304 13.55 3.38 -1.69
CA LEU B 304 13.96 4.78 -1.73
C LEU B 304 15.23 5.01 -0.93
N ALA B 305 15.23 4.48 0.30
CA ALA B 305 16.38 4.63 1.18
C ALA B 305 17.62 3.98 0.56
N ASP B 306 17.46 2.77 0.02
CA ASP B 306 18.57 2.07 -0.60
C ASP B 306 19.06 2.74 -1.88
N GLN B 307 18.26 3.62 -2.44
CA GLN B 307 18.64 4.34 -3.66
C GLN B 307 19.22 5.70 -3.34
N GLY B 308 19.21 6.08 -2.07
CA GLY B 308 19.72 7.38 -1.68
C GLY B 308 18.70 8.47 -1.97
N LEU B 309 17.44 8.10 -2.10
CA LEU B 309 16.37 9.07 -2.38
C LEU B 309 15.69 9.51 -1.08
N PRO B 310 15.00 10.66 -1.12
CA PRO B 310 14.31 11.18 0.07
C PRO B 310 13.28 10.14 0.52
N HIS B 311 13.23 9.89 1.82
CA HIS B 311 12.31 8.88 2.34
C HIS B 311 11.73 9.18 3.71
N ALA B 312 11.91 10.40 4.20
CA ALA B 312 11.38 10.73 5.52
C ALA B 312 9.86 10.58 5.54
N HIS B 313 9.21 11.10 4.50
CA HIS B 313 7.75 11.04 4.42
C HIS B 313 7.23 9.61 4.19
N ALA B 314 7.92 8.86 3.34
CA ALA B 314 7.53 7.47 3.03
C ALA B 314 7.62 6.52 4.22
N SER B 315 8.71 6.60 4.99
CA SER B 315 8.87 5.71 6.13
C SER B 315 7.91 6.09 7.25
N ALA B 316 7.55 7.37 7.33
CA ALA B 316 6.62 7.84 8.34
C ALA B 316 5.25 7.27 8.03
N ILE B 317 4.92 7.25 6.74
CA ILE B 317 3.65 6.72 6.26
C ILE B 317 3.61 5.20 6.48
N ALA B 318 4.71 4.52 6.14
CA ALA B 318 4.79 3.08 6.31
C ALA B 318 4.64 2.68 7.77
N LYS B 319 5.37 3.36 8.64
CA LYS B 319 5.35 3.08 10.07
C LYS B 319 3.95 3.28 10.68
N ALA B 320 3.36 4.45 10.43
CA ALA B 320 2.03 4.77 10.93
C ALA B 320 0.96 3.86 10.35
N TYR B 321 0.96 3.69 9.03
CA TYR B 321 -0.04 2.84 8.39
C TYR B 321 0.04 1.38 8.83
N ALA B 322 1.20 0.76 8.63
CA ALA B 322 1.37 -0.63 9.00
C ALA B 322 1.00 -0.91 10.45
N SER B 323 1.55 -0.13 11.38
CA SER B 323 1.28 -0.34 12.79
C SER B 323 -0.21 -0.18 13.13
N GLU B 324 -0.90 0.64 12.35
CA GLU B 324 -2.32 0.82 12.59
C GLU B 324 -3.12 -0.36 12.07
N ILE B 325 -2.80 -0.86 10.88
CA ILE B 325 -3.54 -2.00 10.35
C ILE B 325 -3.14 -3.26 11.11
N ALA B 326 -1.92 -3.27 11.65
CA ALA B 326 -1.45 -4.43 12.40
C ALA B 326 -2.18 -4.54 13.73
N PHE B 327 -2.51 -3.39 14.31
CA PHE B 327 -3.25 -3.35 15.57
C PHE B 327 -4.69 -3.82 15.33
N GLU B 328 -5.34 -3.28 14.30
CA GLU B 328 -6.70 -3.68 13.96
C GLU B 328 -6.73 -5.19 13.71
N ALA B 329 -5.72 -5.69 13.01
CA ALA B 329 -5.62 -7.11 12.68
C ALA B 329 -5.56 -8.02 13.91
N ALA B 330 -4.75 -7.64 14.89
CA ALA B 330 -4.61 -8.42 16.12
C ALA B 330 -5.91 -8.36 16.92
N ASN B 331 -6.55 -7.19 16.90
CA ASN B 331 -7.80 -7.02 17.61
C ASN B 331 -8.83 -8.01 17.06
N GLN B 332 -8.98 -8.02 15.73
CA GLN B 332 -9.92 -8.91 15.08
C GLN B 332 -9.51 -10.37 15.22
N ALA B 333 -8.21 -10.64 15.27
CA ALA B 333 -7.73 -12.02 15.42
C ALA B 333 -8.17 -12.55 16.77
N ILE B 334 -8.13 -11.70 17.79
CA ILE B 334 -8.57 -12.10 19.11
C ILE B 334 -10.07 -12.39 19.01
N GLN B 335 -10.81 -11.40 18.49
CA GLN B 335 -12.25 -11.50 18.32
C GLN B 335 -12.65 -12.83 17.65
N ILE B 336 -11.95 -13.19 16.57
CA ILE B 336 -12.26 -14.42 15.85
C ILE B 336 -12.04 -15.70 16.69
N HIS B 337 -11.19 -15.62 17.71
CA HIS B 337 -10.93 -16.76 18.58
C HIS B 337 -11.98 -16.90 19.68
N GLY B 338 -12.79 -15.86 19.87
CA GLY B 338 -13.79 -15.90 20.92
C GLY B 338 -13.15 -15.86 22.29
N GLY B 339 -13.74 -16.56 23.25
CA GLY B 339 -13.19 -16.59 24.60
C GLY B 339 -11.76 -17.08 24.62
N TYR B 340 -11.44 -18.00 23.73
CA TYR B 340 -10.08 -18.54 23.65
C TYR B 340 -9.08 -17.48 23.21
N GLY B 341 -9.56 -16.45 22.53
CA GLY B 341 -8.68 -15.40 22.10
C GLY B 341 -8.26 -14.48 23.23
N TYR B 342 -8.99 -14.53 24.34
CA TYR B 342 -8.73 -13.68 25.50
C TYR B 342 -7.69 -14.20 26.49
N VAL B 343 -7.19 -15.41 26.27
CA VAL B 343 -6.20 -15.97 27.19
C VAL B 343 -4.89 -16.29 26.49
N ARG B 344 -3.80 -16.17 27.24
CA ARG B 344 -2.45 -16.43 26.76
C ARG B 344 -2.23 -17.87 26.32
N GLU B 345 -3.23 -18.72 26.53
CA GLU B 345 -3.16 -20.11 26.10
C GLU B 345 -3.16 -20.10 24.58
N PHE B 346 -3.60 -18.99 24.01
CA PHE B 346 -3.58 -18.81 22.57
C PHE B 346 -2.69 -17.60 22.28
N PRO B 347 -2.16 -17.50 21.06
CA PRO B 347 -1.26 -16.40 20.70
C PRO B 347 -1.80 -15.04 20.25
N VAL B 348 -3.07 -14.94 19.86
CA VAL B 348 -3.60 -13.67 19.37
C VAL B 348 -3.57 -12.51 20.38
N GLU B 349 -3.87 -12.85 21.62
CA GLU B 349 -3.88 -11.90 22.72
C GLU B 349 -2.55 -11.11 22.83
N LYS B 350 -1.43 -11.82 22.83
CA LYS B 350 -0.10 -11.20 22.94
C LYS B 350 0.21 -10.30 21.75
N LEU B 351 -0.32 -10.65 20.59
CA LEU B 351 -0.09 -9.87 19.38
C LEU B 351 -0.55 -8.43 19.56
N LEU B 352 -1.74 -8.25 20.13
CA LEU B 352 -2.31 -6.93 20.37
C LEU B 352 -1.41 -6.12 21.32
N ARG B 353 -1.03 -6.74 22.43
CA ARG B 353 -0.19 -6.10 23.43
C ARG B 353 1.18 -5.71 22.86
N ASP B 354 1.67 -6.51 21.93
CA ASP B 354 2.96 -6.24 21.32
C ASP B 354 2.88 -5.12 20.29
N VAL B 355 1.98 -5.27 19.33
CA VAL B 355 1.87 -4.33 18.25
C VAL B 355 1.49 -2.90 18.63
N LYS B 356 0.82 -2.72 19.77
CA LYS B 356 0.43 -1.38 20.17
C LYS B 356 1.66 -0.48 20.29
N LEU B 357 2.75 -1.04 20.80
CA LEU B 357 3.99 -0.30 20.97
C LEU B 357 4.50 0.29 19.65
N ASN B 358 4.30 -0.42 18.55
CA ASN B 358 4.77 0.05 17.25
C ASN B 358 4.14 1.39 16.84
N GLN B 359 3.05 1.75 17.51
CA GLN B 359 2.36 3.00 17.22
C GLN B 359 2.94 4.11 18.10
N ILE B 360 3.80 3.73 19.03
CA ILE B 360 4.38 4.68 19.95
C ILE B 360 5.88 4.93 19.83
N TYR B 361 6.69 3.88 19.83
CA TYR B 361 8.12 4.15 19.78
C TYR B 361 8.69 4.54 18.43
N GLU B 362 9.91 5.08 18.48
CA GLU B 362 10.59 5.60 17.30
C GLU B 362 9.67 6.66 16.69
N GLY B 363 9.03 7.42 17.59
CA GLY B 363 8.11 8.47 17.19
C GLY B 363 6.67 8.00 17.13
N THR B 364 5.77 8.69 17.81
CA THR B 364 4.36 8.30 17.81
C THR B 364 3.75 8.55 16.43
N ASN B 365 2.63 7.89 16.16
CA ASN B 365 1.96 8.05 14.87
C ASN B 365 1.46 9.49 14.69
N GLU B 366 1.37 10.25 15.77
CA GLU B 366 0.94 11.65 15.66
C GLU B 366 2.08 12.49 15.09
N ILE B 367 3.30 12.29 15.58
CA ILE B 367 4.41 13.06 15.05
C ILE B 367 4.72 12.50 13.67
N GLN B 368 4.39 11.23 13.44
CA GLN B 368 4.59 10.64 12.13
C GLN B 368 3.71 11.47 11.20
N ARG B 369 2.47 11.68 11.61
CA ARG B 369 1.56 12.48 10.82
C ARG B 369 2.05 13.92 10.69
N LEU B 370 2.62 14.44 11.78
CA LEU B 370 3.17 15.79 11.74
C LEU B 370 4.28 15.84 10.68
N ILE B 371 5.06 14.76 10.57
CA ILE B 371 6.14 14.68 9.59
C ILE B 371 5.56 14.71 8.17
N ILE B 372 4.50 13.94 7.97
CA ILE B 372 3.85 13.87 6.68
C ILE B 372 3.20 15.23 6.34
N ALA B 373 2.53 15.84 7.31
CA ALA B 373 1.89 17.13 7.12
C ALA B 373 2.89 18.15 6.56
N ARG B 374 4.10 18.16 7.13
CA ARG B 374 5.15 19.08 6.71
C ARG B 374 5.51 18.85 5.26
N HIS B 375 5.72 17.59 4.92
CA HIS B 375 6.07 17.22 3.56
C HIS B 375 4.96 17.74 2.64
N ILE B 376 3.72 17.63 3.10
CA ILE B 376 2.57 18.06 2.33
C ILE B 376 2.42 19.56 2.19
N LEU B 377 2.51 20.29 3.31
CA LEU B 377 2.36 21.74 3.28
C LEU B 377 3.59 22.48 2.78
N ALA B 378 4.74 21.82 2.75
CA ALA B 378 5.95 22.48 2.26
C ALA B 378 5.63 23.15 0.93
N ALA B 379 6.50 24.09 0.53
CA ALA B 379 6.34 24.82 -0.72
C ALA B 379 7.49 24.44 -1.66
#